data_2EML
#
_entry.id   2EML
#
loop_
_entity.id
_entity.type
_entity.pdbx_description
1 polymer 'Zinc finger protein 28 homolog'
2 non-polymer 'ZINC ION'
#
_entity_poly.entity_id   1
_entity_poly.type   'polypeptide(L)'
_entity_poly.pdbx_seq_one_letter_code
;GSSGSSGTGEKPYECSVCGKAFSHRQSLSVHQRIHSGKKPSGPSSG
;
_entity_poly.pdbx_strand_id   A
#
# COMPACT_ATOMS: atom_id res chain seq x y z
N GLY A 1 -29.11 -3.73 -10.66
CA GLY A 1 -29.27 -4.29 -9.34
C GLY A 1 -29.01 -3.26 -8.25
N SER A 2 -28.83 -3.74 -7.02
CA SER A 2 -28.58 -2.86 -5.88
C SER A 2 -27.50 -3.44 -4.98
N SER A 3 -26.51 -2.62 -4.65
CA SER A 3 -25.41 -3.05 -3.79
C SER A 3 -25.42 -2.27 -2.48
N GLY A 4 -25.41 -0.94 -2.57
CA GLY A 4 -25.41 -0.11 -1.39
C GLY A 4 -24.02 0.37 -1.01
N SER A 5 -23.28 0.85 -2.00
CA SER A 5 -21.92 1.34 -1.77
C SER A 5 -21.36 1.98 -3.02
N SER A 6 -20.98 3.25 -2.92
CA SER A 6 -20.42 3.99 -4.06
C SER A 6 -18.94 4.29 -3.84
N GLY A 7 -18.22 3.31 -3.28
CA GLY A 7 -16.80 3.49 -3.03
C GLY A 7 -16.51 4.80 -2.33
N THR A 8 -16.56 4.78 -1.00
CA THR A 8 -16.29 5.98 -0.21
C THR A 8 -14.91 5.92 0.43
N GLY A 9 -13.94 5.41 -0.32
CA GLY A 9 -12.58 5.30 0.20
C GLY A 9 -11.53 5.40 -0.89
N GLU A 10 -11.86 4.88 -2.07
CA GLU A 10 -10.93 4.91 -3.20
C GLU A 10 -10.10 6.17 -3.19
N LYS A 11 -8.80 6.02 -3.44
CA LYS A 11 -7.88 7.16 -3.46
C LYS A 11 -6.90 7.04 -4.62
N PRO A 12 -6.29 8.18 -4.99
CA PRO A 12 -5.32 8.23 -6.08
C PRO A 12 -4.01 7.53 -5.73
N TYR A 13 -3.93 7.02 -4.51
CA TYR A 13 -2.74 6.33 -4.05
C TYR A 13 -3.10 5.05 -3.30
N GLU A 14 -2.84 3.91 -3.93
CA GLU A 14 -3.14 2.61 -3.33
C GLU A 14 -2.02 1.61 -3.61
N CYS A 15 -1.50 1.02 -2.55
CA CYS A 15 -0.42 0.03 -2.68
C CYS A 15 -0.92 -1.22 -3.39
N SER A 16 0.00 -1.91 -4.07
CA SER A 16 -0.35 -3.13 -4.79
C SER A 16 0.32 -4.34 -4.16
N VAL A 17 1.62 -4.22 -3.87
CA VAL A 17 2.37 -5.31 -3.26
C VAL A 17 1.59 -5.95 -2.11
N CYS A 18 0.95 -5.11 -1.30
CA CYS A 18 0.17 -5.60 -0.18
C CYS A 18 -1.32 -5.25 -0.35
N GLY A 19 -1.58 -4.13 -1.01
CA GLY A 19 -2.95 -3.71 -1.23
C GLY A 19 -3.45 -2.79 -0.15
N LYS A 20 -2.98 -1.54 -0.16
CA LYS A 20 -3.38 -0.55 0.83
C LYS A 20 -3.77 0.76 0.15
N ALA A 21 -4.41 1.64 0.92
CA ALA A 21 -4.83 2.93 0.40
C ALA A 21 -4.28 4.08 1.24
N PHE A 22 -4.13 5.24 0.63
CA PHE A 22 -3.62 6.41 1.32
C PHE A 22 -4.16 7.70 0.71
N SER A 23 -3.90 8.83 1.36
CA SER A 23 -4.38 10.12 0.89
C SER A 23 -3.31 10.81 0.05
N HIS A 24 -2.09 10.89 0.59
CA HIS A 24 -0.99 11.52 -0.12
C HIS A 24 0.03 10.48 -0.58
N ARG A 25 0.75 10.81 -1.66
CA ARG A 25 1.75 9.89 -2.20
C ARG A 25 2.87 9.64 -1.18
N GLN A 26 3.38 10.73 -0.60
CA GLN A 26 4.45 10.62 0.39
C GLN A 26 4.10 9.59 1.47
N SER A 27 2.82 9.52 1.81
CA SER A 27 2.36 8.58 2.84
C SER A 27 2.42 7.16 2.32
N LEU A 28 2.27 7.00 1.01
CA LEU A 28 2.31 5.68 0.38
C LEU A 28 3.74 5.16 0.28
N SER A 29 4.67 6.07 0.01
CA SER A 29 6.08 5.71 -0.12
C SER A 29 6.62 5.15 1.19
N VAL A 30 6.59 5.97 2.24
CA VAL A 30 7.08 5.56 3.54
C VAL A 30 6.48 4.22 3.96
N HIS A 31 5.27 3.94 3.48
CA HIS A 31 4.60 2.69 3.79
C HIS A 31 5.25 1.52 3.06
N GLN A 32 5.40 1.67 1.74
CA GLN A 32 6.01 0.62 0.92
C GLN A 32 7.29 0.11 1.56
N ARG A 33 7.89 0.92 2.42
CA ARG A 33 9.13 0.54 3.10
C ARG A 33 8.95 -0.77 3.87
N ILE A 34 7.81 -0.92 4.52
CA ILE A 34 7.51 -2.12 5.29
C ILE A 34 7.77 -3.37 4.45
N HIS A 35 7.76 -3.21 3.13
CA HIS A 35 8.00 -4.33 2.23
C HIS A 35 9.48 -4.46 1.90
N SER A 36 10.32 -4.03 2.83
CA SER A 36 11.77 -4.11 2.64
C SER A 36 12.32 -5.45 3.10
N GLY A 37 12.97 -6.17 2.19
CA GLY A 37 13.53 -7.46 2.52
C GLY A 37 12.67 -8.23 3.51
N LYS A 38 11.36 -8.29 3.24
CA LYS A 38 10.44 -8.99 4.11
C LYS A 38 9.54 -9.93 3.30
N LYS A 39 10.12 -10.62 2.34
CA LYS A 39 9.39 -11.55 1.50
C LYS A 39 10.10 -12.90 1.41
N PRO A 40 9.97 -13.69 2.48
CA PRO A 40 10.60 -15.02 2.56
C PRO A 40 9.94 -16.02 1.62
N SER A 41 10.77 -16.83 0.95
CA SER A 41 10.27 -17.83 0.01
C SER A 41 9.16 -18.67 0.65
N GLY A 42 9.45 -19.21 1.83
CA GLY A 42 8.48 -20.04 2.52
C GLY A 42 8.37 -19.68 3.99
N PRO A 43 7.15 -19.81 4.54
CA PRO A 43 6.88 -19.50 5.95
C PRO A 43 7.52 -20.51 6.89
N SER A 44 7.34 -21.79 6.59
CA SER A 44 7.89 -22.87 7.41
C SER A 44 8.80 -23.77 6.59
N SER A 45 10.09 -23.49 6.62
CA SER A 45 11.07 -24.28 5.87
C SER A 45 12.28 -24.61 6.74
N GLY A 46 13.05 -25.61 6.32
CA GLY A 46 14.23 -26.00 7.06
C GLY A 46 13.89 -26.51 8.45
N GLY A 1 -26.37 11.97 -11.87
CA GLY A 1 -26.16 10.92 -10.88
C GLY A 1 -25.04 11.25 -9.92
N SER A 2 -23.84 10.78 -10.25
CA SER A 2 -22.67 11.02 -9.40
C SER A 2 -21.67 11.92 -10.11
N SER A 3 -21.09 12.86 -9.36
CA SER A 3 -20.12 13.79 -9.91
C SER A 3 -18.70 13.30 -9.64
N GLY A 4 -17.75 13.80 -10.43
CA GLY A 4 -16.37 13.41 -10.28
C GLY A 4 -15.94 13.40 -8.82
N SER A 5 -15.64 14.58 -8.28
CA SER A 5 -15.21 14.70 -6.89
C SER A 5 -16.01 15.78 -6.17
N SER A 6 -16.26 15.56 -4.88
CA SER A 6 -17.01 16.51 -4.08
C SER A 6 -16.09 17.27 -3.13
N GLY A 7 -15.34 16.53 -2.32
CA GLY A 7 -14.42 17.15 -1.38
C GLY A 7 -13.32 16.21 -0.94
N THR A 8 -12.31 16.76 -0.27
CA THR A 8 -11.19 15.96 0.21
C THR A 8 -11.67 14.61 0.74
N GLY A 9 -11.14 13.53 0.16
CA GLY A 9 -11.53 12.20 0.58
C GLY A 9 -11.02 11.13 -0.35
N GLU A 10 -11.17 11.35 -1.65
CA GLU A 10 -10.72 10.38 -2.65
C GLU A 10 -9.28 9.94 -2.37
N LYS A 11 -8.93 8.76 -2.87
CA LYS A 11 -7.58 8.22 -2.68
C LYS A 11 -7.03 7.65 -3.98
N PRO A 12 -6.41 8.52 -4.79
CA PRO A 12 -5.82 8.11 -6.07
C PRO A 12 -4.59 7.23 -5.90
N TYR A 13 -4.15 7.07 -4.66
CA TYR A 13 -2.98 6.26 -4.36
C TYR A 13 -3.39 4.97 -3.62
N GLU A 14 -2.92 3.84 -4.13
CA GLU A 14 -3.23 2.55 -3.52
C GLU A 14 -2.11 1.56 -3.75
N CYS A 15 -1.45 1.14 -2.68
CA CYS A 15 -0.35 0.19 -2.76
C CYS A 15 -0.79 -1.08 -3.49
N SER A 16 0.17 -1.76 -4.11
CA SER A 16 -0.12 -2.99 -4.85
C SER A 16 0.58 -4.19 -4.20
N VAL A 17 1.86 -4.02 -3.88
CA VAL A 17 2.64 -5.07 -3.27
C VAL A 17 1.86 -5.76 -2.14
N CYS A 18 1.15 -4.95 -1.35
CA CYS A 18 0.36 -5.47 -0.24
C CYS A 18 -1.13 -5.19 -0.46
N GLY A 19 -1.43 -4.04 -1.05
CA GLY A 19 -2.81 -3.67 -1.30
C GLY A 19 -3.37 -2.76 -0.22
N LYS A 20 -2.93 -1.50 -0.23
CA LYS A 20 -3.39 -0.52 0.75
C LYS A 20 -3.80 0.79 0.06
N ALA A 21 -4.38 1.69 0.83
CA ALA A 21 -4.81 2.98 0.31
C ALA A 21 -4.34 4.13 1.20
N PHE A 22 -4.01 5.25 0.57
CA PHE A 22 -3.53 6.42 1.30
C PHE A 22 -4.06 7.71 0.68
N SER A 23 -3.86 8.83 1.37
CA SER A 23 -4.32 10.12 0.88
C SER A 23 -3.22 10.81 0.08
N HIS A 24 -2.03 10.88 0.65
CA HIS A 24 -0.89 11.51 -0.01
C HIS A 24 0.14 10.48 -0.46
N ARG A 25 0.91 10.81 -1.48
CA ARG A 25 1.93 9.90 -1.99
C ARG A 25 2.99 9.61 -0.94
N GLN A 26 3.49 10.68 -0.31
CA GLN A 26 4.50 10.54 0.73
C GLN A 26 4.18 9.37 1.66
N SER A 27 2.92 9.29 2.08
CA SER A 27 2.49 8.22 2.97
C SER A 27 2.70 6.86 2.34
N LEU A 28 2.22 6.72 1.10
CA LEU A 28 2.35 5.46 0.37
C LEU A 28 3.81 5.07 0.20
N SER A 29 4.62 6.03 -0.23
CA SER A 29 6.05 5.79 -0.43
C SER A 29 6.71 5.27 0.84
N VAL A 30 6.59 6.05 1.92
CA VAL A 30 7.16 5.67 3.20
C VAL A 30 6.59 4.34 3.69
N HIS A 31 5.32 4.10 3.40
CA HIS A 31 4.66 2.87 3.80
C HIS A 31 5.29 1.66 3.12
N GLN A 32 5.42 1.74 1.79
CA GLN A 32 6.01 0.65 1.03
C GLN A 32 7.26 0.12 1.71
N ARG A 33 7.89 0.95 2.53
CA ARG A 33 9.10 0.56 3.24
C ARG A 33 8.87 -0.70 4.06
N ILE A 34 7.73 -0.77 4.73
CA ILE A 34 7.39 -1.93 5.55
C ILE A 34 7.67 -3.23 4.79
N HIS A 35 7.67 -3.14 3.46
CA HIS A 35 7.93 -4.31 2.63
C HIS A 35 9.43 -4.54 2.44
N SER A 36 10.20 -4.14 3.44
CA SER A 36 11.65 -4.30 3.39
C SER A 36 12.10 -5.50 4.21
N GLY A 37 12.88 -6.39 3.58
CA GLY A 37 13.36 -7.56 4.26
C GLY A 37 13.71 -8.69 3.31
N LYS A 38 12.99 -9.81 3.43
CA LYS A 38 13.24 -10.96 2.57
C LYS A 38 13.01 -10.60 1.10
N LYS A 39 13.72 -11.30 0.22
CA LYS A 39 13.59 -11.06 -1.22
C LYS A 39 13.70 -12.37 -2.00
N PRO A 40 12.96 -12.46 -3.12
CA PRO A 40 12.97 -13.64 -3.98
C PRO A 40 14.29 -13.81 -4.72
N SER A 41 14.49 -14.99 -5.30
CA SER A 41 15.72 -15.29 -6.03
C SER A 41 15.81 -14.43 -7.29
N GLY A 42 16.65 -13.39 -7.23
CA GLY A 42 16.81 -12.51 -8.36
C GLY A 42 18.24 -12.51 -8.89
N PRO A 43 18.52 -11.61 -9.85
CA PRO A 43 19.85 -11.49 -10.45
C PRO A 43 20.88 -10.94 -9.48
N SER A 44 22.14 -10.89 -9.93
CA SER A 44 23.22 -10.38 -9.10
C SER A 44 24.30 -9.73 -9.95
N SER A 45 25.28 -9.13 -9.29
CA SER A 45 26.38 -8.45 -9.99
C SER A 45 27.70 -9.17 -9.75
N GLY A 46 28.59 -9.12 -10.74
CA GLY A 46 29.87 -9.77 -10.62
C GLY A 46 30.93 -9.13 -11.50
N GLY A 1 -19.34 -8.23 6.83
CA GLY A 1 -19.80 -7.91 8.17
C GLY A 1 -18.81 -7.07 8.94
N SER A 2 -18.30 -6.02 8.30
CA SER A 2 -17.32 -5.14 8.94
C SER A 2 -17.93 -3.78 9.23
N SER A 3 -19.17 -3.78 9.72
CA SER A 3 -19.87 -2.54 10.03
C SER A 3 -18.99 -1.62 10.87
N GLY A 4 -19.23 -0.32 10.76
CA GLY A 4 -18.46 0.65 11.52
C GLY A 4 -17.29 1.19 10.73
N SER A 5 -17.53 2.26 9.98
CA SER A 5 -16.48 2.88 9.16
C SER A 5 -16.97 4.19 8.57
N SER A 6 -16.06 4.91 7.91
CA SER A 6 -16.38 6.19 7.30
C SER A 6 -16.79 6.01 5.84
N GLY A 7 -17.42 7.03 5.27
CA GLY A 7 -17.85 6.96 3.89
C GLY A 7 -16.73 7.28 2.92
N THR A 8 -15.49 7.12 3.38
CA THR A 8 -14.33 7.39 2.54
C THR A 8 -13.33 6.25 2.58
N GLY A 9 -12.80 5.88 1.43
CA GLY A 9 -11.84 4.79 1.36
C GLY A 9 -11.05 4.80 0.06
N GLU A 10 -11.74 5.07 -1.04
CA GLU A 10 -11.09 5.10 -2.35
C GLU A 10 -10.17 6.31 -2.47
N LYS A 11 -8.87 6.05 -2.49
CA LYS A 11 -7.87 7.12 -2.60
C LYS A 11 -7.08 6.99 -3.90
N PRO A 12 -6.57 8.13 -4.39
CA PRO A 12 -5.78 8.17 -5.63
C PRO A 12 -4.42 7.50 -5.48
N TYR A 13 -4.17 6.93 -4.30
CA TYR A 13 -2.92 6.26 -4.04
C TYR A 13 -3.15 4.88 -3.42
N GLU A 14 -2.83 3.83 -4.18
CA GLU A 14 -3.00 2.47 -3.71
C GLU A 14 -1.68 1.70 -3.74
N CYS A 15 -1.33 1.09 -2.62
CA CYS A 15 -0.09 0.33 -2.51
C CYS A 15 -0.08 -0.83 -3.50
N SER A 16 0.93 -0.87 -4.35
CA SER A 16 1.06 -1.94 -5.35
C SER A 16 1.71 -3.18 -4.74
N VAL A 17 1.46 -3.40 -3.46
CA VAL A 17 2.03 -4.55 -2.77
C VAL A 17 0.96 -5.27 -1.94
N CYS A 18 0.55 -4.65 -0.85
CA CYS A 18 -0.46 -5.24 0.03
C CYS A 18 -1.86 -4.87 -0.44
N GLY A 19 -1.99 -3.70 -1.06
CA GLY A 19 -3.27 -3.24 -1.55
C GLY A 19 -3.92 -2.24 -0.63
N LYS A 20 -3.11 -1.35 -0.06
CA LYS A 20 -3.62 -0.33 0.85
C LYS A 20 -3.98 0.94 0.08
N ALA A 21 -4.50 1.93 0.81
CA ALA A 21 -4.89 3.20 0.21
C ALA A 21 -4.46 4.38 1.07
N PHE A 22 -3.86 5.38 0.45
CA PHE A 22 -3.39 6.56 1.18
C PHE A 22 -3.89 7.84 0.50
N SER A 23 -4.08 8.88 1.30
CA SER A 23 -4.58 10.16 0.78
C SER A 23 -3.47 10.88 0.02
N HIS A 24 -2.26 10.84 0.55
CA HIS A 24 -1.11 11.49 -0.08
C HIS A 24 -0.20 10.46 -0.74
N ARG A 25 0.81 10.95 -1.46
CA ARG A 25 1.76 10.08 -2.14
C ARG A 25 2.87 9.64 -1.18
N GLN A 26 3.51 10.62 -0.55
CA GLN A 26 4.59 10.33 0.39
C GLN A 26 4.20 9.21 1.36
N SER A 27 3.01 9.33 1.93
CA SER A 27 2.52 8.33 2.87
C SER A 27 2.69 6.93 2.32
N LEU A 28 2.25 6.72 1.08
CA LEU A 28 2.35 5.43 0.43
C LEU A 28 3.81 5.02 0.23
N SER A 29 4.63 5.99 -0.16
CA SER A 29 6.05 5.74 -0.39
C SER A 29 6.73 5.26 0.89
N VAL A 30 6.47 5.98 1.99
CA VAL A 30 7.05 5.63 3.28
C VAL A 30 6.54 4.28 3.77
N HIS A 31 5.24 4.04 3.58
CA HIS A 31 4.62 2.80 3.99
C HIS A 31 5.24 1.61 3.27
N GLN A 32 5.32 1.70 1.95
CA GLN A 32 5.89 0.63 1.14
C GLN A 32 7.15 0.07 1.79
N ARG A 33 7.86 0.92 2.53
CA ARG A 33 9.08 0.50 3.20
C ARG A 33 8.88 -0.83 3.93
N ILE A 34 7.75 -0.95 4.63
CA ILE A 34 7.44 -2.16 5.36
C ILE A 34 7.66 -3.40 4.51
N HIS A 35 7.42 -3.26 3.20
CA HIS A 35 7.60 -4.36 2.27
C HIS A 35 9.08 -4.59 1.95
N SER A 36 9.85 -3.51 2.00
CA SER A 36 11.28 -3.59 1.71
C SER A 36 11.98 -4.51 2.71
N GLY A 37 11.79 -4.24 3.99
CA GLY A 37 12.41 -5.06 5.02
C GLY A 37 11.44 -6.04 5.65
N LYS A 38 11.95 -6.90 6.52
CA LYS A 38 11.13 -7.89 7.19
C LYS A 38 10.42 -8.79 6.18
N LYS A 39 11.18 -9.27 5.21
CA LYS A 39 10.63 -10.15 4.17
C LYS A 39 11.49 -11.39 4.00
N PRO A 40 11.13 -12.47 4.71
CA PRO A 40 11.87 -13.74 4.65
C PRO A 40 11.68 -14.45 3.32
N SER A 41 12.78 -14.92 2.74
CA SER A 41 12.74 -15.62 1.47
C SER A 41 13.97 -16.50 1.29
N GLY A 42 13.84 -17.51 0.43
CA GLY A 42 14.95 -18.42 0.18
C GLY A 42 16.20 -17.69 -0.26
N PRO A 43 17.15 -18.43 -0.85
CA PRO A 43 18.41 -17.88 -1.32
C PRO A 43 18.23 -16.97 -2.54
N SER A 44 17.27 -17.33 -3.39
CA SER A 44 16.99 -16.56 -4.60
C SER A 44 16.40 -15.19 -4.24
N SER A 45 17.13 -14.13 -4.59
CA SER A 45 16.68 -12.77 -4.31
C SER A 45 17.17 -11.81 -5.38
N GLY A 46 16.47 -10.68 -5.52
CA GLY A 46 16.86 -9.69 -6.51
C GLY A 46 18.01 -8.82 -6.05
N GLY A 1 -12.75 -10.57 -10.12
CA GLY A 1 -11.72 -9.64 -10.52
C GLY A 1 -12.00 -8.22 -10.08
N SER A 2 -10.94 -7.47 -9.80
CA SER A 2 -11.08 -6.09 -9.36
C SER A 2 -9.88 -5.25 -9.80
N SER A 3 -10.05 -3.93 -9.73
CA SER A 3 -8.98 -3.01 -10.13
C SER A 3 -9.03 -1.72 -9.32
N GLY A 4 -7.99 -0.91 -9.44
CA GLY A 4 -7.94 0.35 -8.71
C GLY A 4 -8.79 1.43 -9.35
N SER A 5 -10.10 1.22 -9.36
CA SER A 5 -11.02 2.18 -9.94
C SER A 5 -11.84 2.88 -8.87
N SER A 6 -12.43 2.10 -7.97
CA SER A 6 -13.23 2.64 -6.89
C SER A 6 -12.37 3.39 -5.88
N GLY A 7 -12.31 4.71 -6.02
CA GLY A 7 -11.51 5.52 -5.12
C GLY A 7 -10.61 6.49 -5.85
N THR A 8 -11.19 7.56 -6.38
CA THR A 8 -10.43 8.57 -7.12
C THR A 8 -10.39 9.89 -6.36
N GLY A 9 -11.57 10.40 -5.99
CA GLY A 9 -11.64 11.64 -5.27
C GLY A 9 -10.84 11.62 -3.99
N GLU A 10 -10.96 10.54 -3.24
CA GLU A 10 -10.23 10.40 -1.98
C GLU A 10 -9.39 9.12 -1.98
N LYS A 11 -8.11 9.26 -1.64
CA LYS A 11 -7.20 8.13 -1.59
C LYS A 11 -7.03 7.50 -2.98
N PRO A 12 -6.62 8.35 -3.95
CA PRO A 12 -6.41 7.90 -5.33
C PRO A 12 -5.19 7.00 -5.46
N TYR A 13 -4.42 6.89 -4.39
CA TYR A 13 -3.21 6.06 -4.39
C TYR A 13 -3.49 4.71 -3.74
N GLU A 14 -2.85 3.68 -4.25
CA GLU A 14 -3.02 2.33 -3.72
C GLU A 14 -1.71 1.54 -3.79
N CYS A 15 -1.29 1.01 -2.65
CA CYS A 15 -0.05 0.23 -2.59
C CYS A 15 -0.09 -0.95 -3.55
N SER A 16 0.91 -1.02 -4.44
CA SER A 16 0.98 -2.09 -5.42
C SER A 16 1.62 -3.34 -4.82
N VAL A 17 1.47 -3.50 -3.51
CA VAL A 17 2.04 -4.65 -2.81
C VAL A 17 0.99 -5.35 -1.95
N CYS A 18 0.59 -4.70 -0.86
CA CYS A 18 -0.41 -5.26 0.04
C CYS A 18 -1.81 -4.89 -0.41
N GLY A 19 -1.94 -3.69 -0.99
CA GLY A 19 -3.24 -3.24 -1.46
C GLY A 19 -3.84 -2.20 -0.54
N LYS A 20 -3.00 -1.34 0.01
CA LYS A 20 -3.46 -0.28 0.91
C LYS A 20 -3.89 0.95 0.12
N ALA A 21 -4.36 1.96 0.84
CA ALA A 21 -4.81 3.21 0.21
C ALA A 21 -4.39 4.42 1.03
N PHE A 22 -3.82 5.42 0.36
CA PHE A 22 -3.38 6.64 1.03
C PHE A 22 -3.83 7.87 0.26
N SER A 23 -4.04 8.97 0.98
CA SER A 23 -4.48 10.21 0.36
C SER A 23 -3.31 10.94 -0.29
N HIS A 24 -2.15 10.89 0.36
CA HIS A 24 -0.94 11.54 -0.15
C HIS A 24 0.01 10.52 -0.76
N ARG A 25 1.08 11.00 -1.36
CA ARG A 25 2.08 10.14 -1.98
C ARG A 25 3.14 9.72 -0.96
N GLN A 26 3.67 10.69 -0.24
CA GLN A 26 4.69 10.41 0.77
C GLN A 26 4.24 9.30 1.71
N SER A 27 3.01 9.38 2.16
CA SER A 27 2.47 8.37 3.07
C SER A 27 2.59 6.97 2.48
N LEU A 28 2.32 6.86 1.18
CA LEU A 28 2.41 5.58 0.49
C LEU A 28 3.86 5.14 0.34
N SER A 29 4.70 6.07 -0.11
CA SER A 29 6.12 5.77 -0.30
C SER A 29 6.75 5.26 0.98
N VAL A 30 6.59 6.01 2.06
CA VAL A 30 7.14 5.64 3.35
C VAL A 30 6.56 4.31 3.83
N HIS A 31 5.28 4.09 3.53
CA HIS A 31 4.60 2.85 3.93
C HIS A 31 5.23 1.64 3.23
N GLN A 32 5.22 1.67 1.91
CA GLN A 32 5.79 0.57 1.12
C GLN A 32 7.06 0.04 1.78
N ARG A 33 7.77 0.91 2.47
CA ARG A 33 9.02 0.52 3.13
C ARG A 33 8.85 -0.80 3.86
N ILE A 34 7.73 -0.96 4.55
CA ILE A 34 7.45 -2.18 5.30
C ILE A 34 7.73 -3.41 4.45
N HIS A 35 7.44 -3.32 3.15
CA HIS A 35 7.67 -4.42 2.23
C HIS A 35 9.15 -4.55 1.89
N SER A 36 9.85 -3.42 1.91
CA SER A 36 11.28 -3.41 1.60
C SER A 36 12.07 -4.21 2.63
N GLY A 37 12.71 -5.28 2.18
CA GLY A 37 13.49 -6.12 3.08
C GLY A 37 14.25 -7.21 2.35
N LYS A 38 14.85 -8.12 3.10
CA LYS A 38 15.62 -9.21 2.52
C LYS A 38 14.82 -10.52 2.59
N LYS A 39 13.84 -10.66 1.70
CA LYS A 39 13.02 -11.85 1.65
C LYS A 39 12.53 -12.12 0.22
N PRO A 40 12.26 -13.40 -0.08
CA PRO A 40 11.78 -13.82 -1.40
C PRO A 40 10.35 -13.35 -1.67
N SER A 41 9.71 -12.79 -0.64
CA SER A 41 8.35 -12.31 -0.78
C SER A 41 8.31 -10.91 -1.39
N GLY A 42 8.16 -10.86 -2.71
CA GLY A 42 8.12 -9.58 -3.40
C GLY A 42 8.67 -9.67 -4.81
N PRO A 43 7.82 -10.11 -5.76
CA PRO A 43 8.21 -10.24 -7.16
C PRO A 43 8.42 -8.89 -7.84
N SER A 44 9.19 -8.89 -8.92
CA SER A 44 9.48 -7.66 -9.66
C SER A 44 8.22 -7.15 -10.36
N SER A 45 7.52 -8.05 -11.04
CA SER A 45 6.31 -7.70 -11.76
C SER A 45 5.44 -6.74 -10.93
N GLY A 46 4.77 -5.82 -11.61
CA GLY A 46 3.93 -4.86 -10.92
C GLY A 46 3.95 -3.50 -11.57
N GLY A 1 -24.99 -5.16 -0.49
CA GLY A 1 -24.38 -4.31 0.52
C GLY A 1 -22.94 -3.96 0.20
N SER A 2 -22.08 -4.96 0.19
CA SER A 2 -20.67 -4.76 -0.10
C SER A 2 -19.99 -4.00 1.04
N SER A 3 -20.32 -4.37 2.27
CA SER A 3 -19.74 -3.73 3.45
C SER A 3 -19.63 -2.21 3.24
N GLY A 4 -20.68 -1.63 2.66
CA GLY A 4 -20.70 -0.20 2.42
C GLY A 4 -20.59 0.60 3.70
N SER A 5 -19.92 1.75 3.62
CA SER A 5 -19.75 2.62 4.79
C SER A 5 -19.48 4.05 4.36
N SER A 6 -19.98 5.00 5.14
CA SER A 6 -19.80 6.42 4.85
C SER A 6 -18.52 6.95 5.48
N GLY A 7 -17.74 7.69 4.68
CA GLY A 7 -16.50 8.24 5.18
C GLY A 7 -15.30 7.82 4.33
N THR A 8 -15.33 8.19 3.05
CA THR A 8 -14.25 7.85 2.15
C THR A 8 -13.62 9.11 1.55
N GLY A 9 -12.35 8.99 1.15
CA GLY A 9 -11.65 10.13 0.57
C GLY A 9 -11.13 9.84 -0.81
N GLU A 10 -10.64 10.87 -1.49
CA GLU A 10 -10.10 10.73 -2.84
C GLU A 10 -9.31 9.43 -2.97
N LYS A 11 -8.28 9.29 -2.14
CA LYS A 11 -7.44 8.10 -2.16
C LYS A 11 -6.95 7.79 -3.58
N PRO A 12 -6.31 8.79 -4.20
CA PRO A 12 -5.78 8.65 -5.57
C PRO A 12 -4.59 7.71 -5.63
N TYR A 13 -4.22 7.16 -4.49
CA TYR A 13 -3.09 6.23 -4.41
C TYR A 13 -3.49 4.93 -3.72
N GLU A 14 -2.82 3.84 -4.11
CA GLU A 14 -3.10 2.54 -3.52
C GLU A 14 -1.95 1.57 -3.76
N CYS A 15 -1.39 1.05 -2.68
CA CYS A 15 -0.28 0.11 -2.76
C CYS A 15 -0.64 -1.08 -3.65
N SER A 16 0.33 -1.97 -3.85
CA SER A 16 0.11 -3.16 -4.67
C SER A 16 0.58 -4.42 -3.94
N VAL A 17 1.77 -4.35 -3.36
CA VAL A 17 2.32 -5.48 -2.63
C VAL A 17 1.33 -6.01 -1.59
N CYS A 18 0.84 -5.12 -0.75
CA CYS A 18 -0.11 -5.49 0.28
C CYS A 18 -1.55 -5.17 -0.14
N GLY A 19 -1.73 -3.99 -0.73
CA GLY A 19 -3.04 -3.58 -1.18
C GLY A 19 -3.68 -2.54 -0.27
N LYS A 20 -2.85 -1.64 0.25
CA LYS A 20 -3.33 -0.59 1.13
C LYS A 20 -3.69 0.67 0.35
N ALA A 21 -4.15 1.70 1.06
CA ALA A 21 -4.52 2.95 0.42
C ALA A 21 -3.99 4.15 1.21
N PHE A 22 -3.80 5.27 0.53
CA PHE A 22 -3.31 6.48 1.17
C PHE A 22 -3.74 7.72 0.40
N SER A 23 -4.24 8.72 1.13
CA SER A 23 -4.70 9.96 0.52
C SER A 23 -3.53 10.71 -0.14
N HIS A 24 -2.40 10.74 0.56
CA HIS A 24 -1.21 11.42 0.05
C HIS A 24 -0.28 10.44 -0.66
N ARG A 25 0.75 10.97 -1.30
CA ARG A 25 1.71 10.14 -2.02
C ARG A 25 2.83 9.69 -1.09
N GLN A 26 3.51 10.65 -0.47
CA GLN A 26 4.60 10.35 0.45
C GLN A 26 4.23 9.21 1.39
N SER A 27 3.01 9.28 1.94
CA SER A 27 2.54 8.26 2.86
C SER A 27 2.72 6.87 2.27
N LEU A 28 2.38 6.71 1.00
CA LEU A 28 2.51 5.43 0.31
C LEU A 28 3.97 5.02 0.19
N SER A 29 4.82 5.98 -0.16
CA SER A 29 6.26 5.72 -0.32
C SER A 29 6.86 5.22 0.99
N VAL A 30 6.68 5.99 2.06
CA VAL A 30 7.20 5.62 3.37
C VAL A 30 6.58 4.31 3.85
N HIS A 31 5.34 4.06 3.45
CA HIS A 31 4.64 2.85 3.84
C HIS A 31 5.24 1.62 3.17
N GLN A 32 5.27 1.64 1.83
CA GLN A 32 5.82 0.53 1.06
C GLN A 32 7.09 -0.01 1.72
N ARG A 33 7.81 0.86 2.42
CA ARG A 33 9.04 0.46 3.10
C ARG A 33 8.80 -0.74 4.00
N ILE A 34 7.71 -0.69 4.76
CA ILE A 34 7.36 -1.77 5.68
C ILE A 34 7.55 -3.13 5.01
N HIS A 35 7.50 -3.14 3.68
CA HIS A 35 7.66 -4.38 2.92
C HIS A 35 9.14 -4.67 2.68
N SER A 36 10.00 -4.18 3.56
CA SER A 36 11.44 -4.38 3.44
C SER A 36 12.06 -4.78 4.77
N GLY A 37 12.45 -6.04 4.87
CA GLY A 37 13.06 -6.52 6.11
C GLY A 37 14.56 -6.41 6.09
N LYS A 38 15.23 -7.33 6.78
CA LYS A 38 16.68 -7.33 6.86
C LYS A 38 17.25 -8.64 6.31
N LYS A 39 16.64 -9.75 6.70
CA LYS A 39 17.08 -11.07 6.24
C LYS A 39 17.40 -11.05 4.76
N PRO A 40 18.45 -11.78 4.37
CA PRO A 40 18.89 -11.87 2.97
C PRO A 40 17.90 -12.66 2.11
N SER A 41 17.33 -13.70 2.70
CA SER A 41 16.38 -14.54 1.98
C SER A 41 15.45 -13.70 1.10
N GLY A 42 14.95 -14.29 0.03
CA GLY A 42 14.07 -13.58 -0.88
C GLY A 42 13.56 -14.46 -2.00
N PRO A 43 14.09 -14.24 -3.22
CA PRO A 43 13.71 -15.00 -4.41
C PRO A 43 14.19 -16.44 -4.35
N SER A 44 14.84 -16.80 -3.25
CA SER A 44 15.36 -18.16 -3.07
C SER A 44 16.32 -18.51 -4.20
N SER A 45 17.20 -17.58 -4.55
CA SER A 45 18.17 -17.80 -5.61
C SER A 45 19.60 -17.63 -5.07
N GLY A 46 20.57 -18.14 -5.83
CA GLY A 46 21.95 -18.04 -5.43
C GLY A 46 22.42 -16.59 -5.33
N GLY A 1 -29.91 -0.15 3.61
CA GLY A 1 -28.57 -0.43 4.11
C GLY A 1 -27.52 0.46 3.48
N SER A 2 -27.09 1.48 4.22
CA SER A 2 -26.09 2.41 3.73
C SER A 2 -25.16 2.88 4.85
N SER A 3 -23.90 3.11 4.52
CA SER A 3 -22.92 3.55 5.51
C SER A 3 -23.31 4.91 6.09
N GLY A 4 -23.61 5.86 5.20
CA GLY A 4 -24.00 7.19 5.64
C GLY A 4 -22.80 8.03 6.04
N SER A 5 -21.75 7.99 5.23
CA SER A 5 -20.55 8.75 5.50
C SER A 5 -19.61 8.74 4.30
N SER A 6 -19.45 9.90 3.67
CA SER A 6 -18.58 10.02 2.49
C SER A 6 -17.17 10.44 2.90
N GLY A 7 -17.08 11.54 3.63
CA GLY A 7 -15.79 12.03 4.08
C GLY A 7 -15.00 12.68 2.96
N THR A 8 -14.99 14.01 2.94
CA THR A 8 -14.28 14.75 1.92
C THR A 8 -12.82 14.31 1.83
N GLY A 9 -12.35 14.07 0.61
CA GLY A 9 -10.98 13.65 0.41
C GLY A 9 -10.85 12.60 -0.67
N GLU A 10 -9.71 12.60 -1.36
CA GLU A 10 -9.47 11.64 -2.43
C GLU A 10 -8.19 10.84 -2.17
N LYS A 11 -8.19 9.59 -2.62
CA LYS A 11 -7.03 8.72 -2.43
C LYS A 11 -6.68 7.99 -3.73
N PRO A 12 -6.04 8.72 -4.66
CA PRO A 12 -5.62 8.16 -5.95
C PRO A 12 -4.50 7.15 -5.82
N TYR A 13 -3.96 7.03 -4.60
CA TYR A 13 -2.87 6.09 -4.35
C TYR A 13 -3.39 4.84 -3.63
N GLU A 14 -2.85 3.69 -4.01
CA GLU A 14 -3.25 2.43 -3.41
C GLU A 14 -2.17 1.36 -3.60
N CYS A 15 -1.55 0.94 -2.51
CA CYS A 15 -0.51 -0.07 -2.55
C CYS A 15 -1.02 -1.35 -3.20
N SER A 16 -0.11 -2.09 -3.84
CA SER A 16 -0.47 -3.33 -4.51
C SER A 16 0.15 -4.53 -3.80
N VAL A 17 1.45 -4.46 -3.56
CA VAL A 17 2.16 -5.54 -2.88
C VAL A 17 1.31 -6.13 -1.76
N CYS A 18 0.66 -5.27 -0.99
CA CYS A 18 -0.19 -5.71 0.11
C CYS A 18 -1.64 -5.34 -0.14
N GLY A 19 -1.86 -4.13 -0.65
CA GLY A 19 -3.21 -3.68 -0.94
C GLY A 19 -3.71 -2.67 0.08
N LYS A 20 -3.15 -1.47 0.03
CA LYS A 20 -3.54 -0.41 0.95
C LYS A 20 -3.96 0.86 0.20
N ALA A 21 -4.39 1.87 0.94
CA ALA A 21 -4.82 3.13 0.34
C ALA A 21 -4.30 4.32 1.14
N PHE A 22 -3.99 5.41 0.44
CA PHE A 22 -3.49 6.61 1.10
C PHE A 22 -4.01 7.86 0.40
N SER A 23 -3.82 9.01 1.04
CA SER A 23 -4.27 10.28 0.47
C SER A 23 -3.11 11.07 -0.11
N HIS A 24 -1.93 10.90 0.49
CA HIS A 24 -0.73 11.59 0.01
C HIS A 24 0.35 10.59 -0.40
N ARG A 25 0.91 10.81 -1.59
CA ARG A 25 1.95 9.93 -2.12
C ARG A 25 2.99 9.61 -1.04
N GLN A 26 3.40 10.64 -0.31
CA GLN A 26 4.39 10.47 0.74
C GLN A 26 4.00 9.34 1.68
N SER A 27 2.73 9.28 2.04
CA SER A 27 2.22 8.24 2.94
C SER A 27 2.49 6.85 2.35
N LEU A 28 2.13 6.67 1.09
CA LEU A 28 2.32 5.39 0.42
C LEU A 28 3.79 4.99 0.43
N SER A 29 4.66 5.95 0.13
CA SER A 29 6.10 5.69 0.10
C SER A 29 6.59 5.21 1.46
N VAL A 30 6.39 6.03 2.48
CA VAL A 30 6.82 5.69 3.83
C VAL A 30 6.22 4.35 4.27
N HIS A 31 5.22 3.89 3.54
CA HIS A 31 4.57 2.63 3.86
C HIS A 31 5.23 1.47 3.10
N GLN A 32 5.15 1.51 1.77
CA GLN A 32 5.74 0.47 0.94
C GLN A 32 7.10 0.03 1.49
N ARG A 33 7.88 1.01 1.96
CA ARG A 33 9.20 0.72 2.51
C ARG A 33 9.15 -0.48 3.44
N ILE A 34 8.11 -0.55 4.27
CA ILE A 34 7.95 -1.64 5.21
C ILE A 34 8.15 -2.99 4.53
N HIS A 35 7.70 -3.07 3.27
CA HIS A 35 7.83 -4.31 2.50
C HIS A 35 9.28 -4.54 2.08
N SER A 36 10.05 -3.46 1.98
CA SER A 36 11.44 -3.54 1.59
C SER A 36 12.32 -3.96 2.77
N GLY A 37 12.24 -5.25 3.12
CA GLY A 37 13.02 -5.76 4.23
C GLY A 37 12.33 -5.56 5.57
N LYS A 38 11.65 -6.61 6.03
CA LYS A 38 10.94 -6.55 7.31
C LYS A 38 11.36 -7.71 8.22
N LYS A 39 11.76 -8.82 7.61
CA LYS A 39 12.18 -9.99 8.36
C LYS A 39 12.70 -11.08 7.42
N PRO A 40 13.82 -11.71 7.80
CA PRO A 40 14.44 -12.78 7.01
C PRO A 40 13.60 -14.05 7.01
N SER A 41 12.46 -14.01 7.70
CA SER A 41 11.57 -15.17 7.78
C SER A 41 11.53 -15.91 6.45
N GLY A 42 11.02 -15.24 5.42
CA GLY A 42 10.94 -15.84 4.10
C GLY A 42 11.57 -14.99 3.02
N PRO A 43 11.35 -15.38 1.76
CA PRO A 43 11.90 -14.65 0.60
C PRO A 43 11.24 -13.30 0.41
N SER A 44 11.77 -12.28 1.08
CA SER A 44 11.24 -10.93 0.99
C SER A 44 12.28 -9.96 0.45
N SER A 45 12.25 -9.73 -0.86
CA SER A 45 13.20 -8.83 -1.50
C SER A 45 12.63 -7.42 -1.60
N GLY A 46 13.50 -6.45 -1.88
CA GLY A 46 13.07 -5.07 -2.00
C GLY A 46 14.15 -4.16 -2.55
N GLY A 1 -18.29 -12.98 -10.97
CA GLY A 1 -18.69 -12.68 -9.60
C GLY A 1 -19.30 -11.30 -9.48
N SER A 2 -20.62 -11.22 -9.61
CA SER A 2 -21.33 -9.96 -9.51
C SER A 2 -21.14 -9.33 -8.14
N SER A 3 -20.55 -8.14 -8.11
CA SER A 3 -20.31 -7.44 -6.86
C SER A 3 -20.57 -5.95 -7.02
N GLY A 4 -21.45 -5.41 -6.18
CA GLY A 4 -21.77 -3.99 -6.24
C GLY A 4 -20.85 -3.15 -5.39
N SER A 5 -19.55 -3.26 -5.64
CA SER A 5 -18.55 -2.51 -4.89
C SER A 5 -18.19 -1.22 -5.61
N SER A 6 -19.03 -0.21 -5.44
CA SER A 6 -18.80 1.09 -6.08
C SER A 6 -17.42 1.64 -5.71
N GLY A 7 -16.51 1.64 -6.68
CA GLY A 7 -15.17 2.15 -6.43
C GLY A 7 -14.54 2.72 -7.69
N THR A 8 -14.97 3.91 -8.08
CA THR A 8 -14.44 4.57 -9.26
C THR A 8 -13.25 5.45 -8.92
N GLY A 9 -13.41 6.27 -7.88
CA GLY A 9 -12.34 7.16 -7.45
C GLY A 9 -12.09 7.11 -5.96
N GLU A 10 -11.76 5.93 -5.46
CA GLU A 10 -11.51 5.75 -4.03
C GLU A 10 -10.34 6.62 -3.58
N LYS A 11 -9.17 6.41 -4.18
CA LYS A 11 -7.99 7.18 -3.85
C LYS A 11 -6.98 7.16 -4.99
N PRO A 12 -6.26 8.27 -5.17
CA PRO A 12 -5.25 8.41 -6.23
C PRO A 12 -4.03 7.54 -5.97
N TYR A 13 -3.99 6.91 -4.81
CA TYR A 13 -2.87 6.04 -4.44
C TYR A 13 -3.35 4.83 -3.66
N GLU A 14 -2.97 3.63 -4.12
CA GLU A 14 -3.35 2.39 -3.47
C GLU A 14 -2.29 1.32 -3.66
N CYS A 15 -1.66 0.92 -2.56
CA CYS A 15 -0.62 -0.09 -2.60
C CYS A 15 -1.12 -1.36 -3.29
N SER A 16 -0.20 -2.10 -3.90
CA SER A 16 -0.54 -3.32 -4.60
C SER A 16 0.11 -4.54 -3.93
N VAL A 17 1.40 -4.42 -3.64
CA VAL A 17 2.13 -5.50 -3.00
C VAL A 17 1.35 -6.09 -1.84
N CYS A 18 0.64 -5.24 -1.12
CA CYS A 18 -0.17 -5.68 0.02
C CYS A 18 -1.64 -5.29 -0.16
N GLY A 19 -1.85 -4.13 -0.77
CA GLY A 19 -3.21 -3.65 -1.00
C GLY A 19 -3.66 -2.67 0.07
N LYS A 20 -3.23 -1.43 -0.05
CA LYS A 20 -3.58 -0.39 0.91
C LYS A 20 -3.98 0.90 0.20
N ALA A 21 -4.32 1.92 0.98
CA ALA A 21 -4.70 3.21 0.43
C ALA A 21 -4.15 4.36 1.25
N PHE A 22 -3.83 5.47 0.59
CA PHE A 22 -3.30 6.64 1.28
C PHE A 22 -3.70 7.93 0.56
N SER A 23 -4.04 8.95 1.34
CA SER A 23 -4.45 10.23 0.78
C SER A 23 -3.26 11.16 0.61
N HIS A 24 -2.11 10.58 0.31
CA HIS A 24 -0.88 11.36 0.12
C HIS A 24 0.25 10.47 -0.39
N ARG A 25 0.68 10.71 -1.61
CA ARG A 25 1.76 9.94 -2.22
C ARG A 25 2.85 9.64 -1.19
N GLN A 26 3.35 10.69 -0.55
CA GLN A 26 4.40 10.54 0.45
C GLN A 26 4.09 9.39 1.41
N SER A 27 2.89 9.43 1.99
CA SER A 27 2.47 8.39 2.93
C SER A 27 2.72 7.00 2.34
N LEU A 28 2.20 6.77 1.15
CA LEU A 28 2.37 5.48 0.48
C LEU A 28 3.82 5.04 0.48
N SER A 29 4.72 5.99 0.21
CA SER A 29 6.15 5.71 0.19
C SER A 29 6.63 5.18 1.53
N VAL A 30 6.44 5.99 2.57
CA VAL A 30 6.86 5.61 3.92
C VAL A 30 6.21 4.30 4.34
N HIS A 31 5.19 3.88 3.59
CA HIS A 31 4.48 2.64 3.89
C HIS A 31 5.12 1.46 3.15
N GLN A 32 5.13 1.54 1.83
CA GLN A 32 5.70 0.48 1.00
C GLN A 32 7.08 0.07 1.54
N ARG A 33 7.82 1.05 2.04
CA ARG A 33 9.16 0.78 2.57
C ARG A 33 9.14 -0.43 3.50
N ILE A 34 8.03 -0.62 4.19
CA ILE A 34 7.89 -1.75 5.10
C ILE A 34 8.15 -3.08 4.40
N HIS A 35 7.74 -3.16 3.14
CA HIS A 35 7.94 -4.37 2.35
C HIS A 35 9.39 -4.53 1.96
N SER A 36 10.09 -3.41 1.80
CA SER A 36 11.50 -3.43 1.43
C SER A 36 12.32 -4.23 2.42
N GLY A 37 12.81 -5.38 1.98
CA GLY A 37 13.61 -6.24 2.85
C GLY A 37 14.83 -6.81 2.14
N LYS A 38 14.69 -8.04 1.65
CA LYS A 38 15.79 -8.70 0.95
C LYS A 38 15.88 -8.22 -0.50
N LYS A 39 17.01 -7.62 -0.85
CA LYS A 39 17.23 -7.11 -2.19
C LYS A 39 16.51 -7.98 -3.23
N PRO A 40 15.30 -7.56 -3.62
CA PRO A 40 14.49 -8.28 -4.60
C PRO A 40 15.08 -8.22 -6.01
N SER A 41 15.40 -7.00 -6.44
CA SER A 41 15.97 -6.80 -7.77
C SER A 41 17.21 -7.66 -7.97
N GLY A 42 17.47 -8.04 -9.21
CA GLY A 42 18.62 -8.87 -9.51
C GLY A 42 18.81 -9.08 -11.01
N PRO A 43 18.29 -10.21 -11.52
CA PRO A 43 18.39 -10.55 -12.94
C PRO A 43 17.54 -9.64 -13.82
N SER A 44 18.13 -8.54 -14.27
CA SER A 44 17.43 -7.58 -15.11
C SER A 44 16.60 -8.30 -16.17
N SER A 45 17.25 -9.18 -16.92
CA SER A 45 16.58 -9.94 -17.98
C SER A 45 16.61 -11.43 -17.67
N GLY A 46 15.44 -11.98 -17.33
CA GLY A 46 15.36 -13.40 -17.02
C GLY A 46 13.93 -13.87 -16.90
N GLY A 1 -27.19 -16.80 -1.34
CA GLY A 1 -25.96 -16.02 -1.36
C GLY A 1 -26.20 -14.53 -1.47
N SER A 2 -25.67 -13.78 -0.51
CA SER A 2 -25.84 -12.33 -0.49
C SER A 2 -24.50 -11.63 -0.32
N SER A 3 -24.24 -10.62 -1.15
CA SER A 3 -23.00 -9.88 -1.08
C SER A 3 -23.12 -8.56 -1.84
N GLY A 4 -22.53 -7.50 -1.29
CA GLY A 4 -22.58 -6.20 -1.93
C GLY A 4 -22.15 -5.08 -1.00
N SER A 5 -21.05 -4.41 -1.35
CA SER A 5 -20.53 -3.32 -0.53
C SER A 5 -19.69 -2.37 -1.38
N SER A 6 -19.65 -1.11 -0.97
CA SER A 6 -18.87 -0.09 -1.69
C SER A 6 -18.61 1.11 -0.80
N GLY A 7 -17.34 1.32 -0.46
CA GLY A 7 -16.96 2.44 0.37
C GLY A 7 -16.67 3.69 -0.42
N THR A 8 -17.72 4.35 -0.91
CA THR A 8 -17.57 5.57 -1.69
C THR A 8 -16.47 6.46 -1.13
N GLY A 9 -15.55 6.87 -1.98
CA GLY A 9 -14.46 7.74 -1.55
C GLY A 9 -13.10 7.14 -1.86
N GLU A 10 -12.87 6.85 -3.14
CA GLU A 10 -11.60 6.27 -3.57
C GLU A 10 -10.47 7.30 -3.47
N LYS A 11 -9.24 6.82 -3.47
CA LYS A 11 -8.07 7.70 -3.39
C LYS A 11 -7.18 7.54 -4.61
N PRO A 12 -6.42 8.59 -4.94
CA PRO A 12 -5.52 8.59 -6.10
C PRO A 12 -4.32 7.67 -5.88
N TYR A 13 -4.21 7.12 -4.67
CA TYR A 13 -3.10 6.24 -4.34
C TYR A 13 -3.61 4.97 -3.65
N GLU A 14 -3.06 3.83 -4.04
CA GLU A 14 -3.45 2.55 -3.46
C GLU A 14 -2.37 1.50 -3.66
N CYS A 15 -1.72 1.10 -2.56
CA CYS A 15 -0.66 0.11 -2.62
C CYS A 15 -1.17 -1.20 -3.21
N SER A 16 -0.34 -1.84 -4.03
CA SER A 16 -0.71 -3.10 -4.67
C SER A 16 -0.02 -4.27 -3.98
N VAL A 17 1.29 -4.14 -3.77
CA VAL A 17 2.07 -5.19 -3.12
C VAL A 17 1.30 -5.81 -1.97
N CYS A 18 0.60 -4.97 -1.20
CA CYS A 18 -0.18 -5.44 -0.06
C CYS A 18 -1.66 -5.14 -0.25
N GLY A 19 -1.96 -3.96 -0.82
CA GLY A 19 -3.34 -3.57 -1.04
C GLY A 19 -3.76 -2.41 -0.17
N LYS A 20 -2.78 -1.72 0.42
CA LYS A 20 -3.07 -0.60 1.29
C LYS A 20 -3.51 0.62 0.49
N ALA A 21 -4.15 1.57 1.15
CA ALA A 21 -4.63 2.78 0.50
C ALA A 21 -4.21 4.02 1.27
N PHE A 22 -3.89 5.08 0.55
CA PHE A 22 -3.46 6.34 1.16
C PHE A 22 -4.01 7.53 0.39
N SER A 23 -3.85 8.72 0.97
CA SER A 23 -4.33 9.95 0.33
C SER A 23 -3.18 10.70 -0.34
N HIS A 24 -2.02 10.70 0.31
CA HIS A 24 -0.85 11.38 -0.23
C HIS A 24 0.26 10.38 -0.52
N ARG A 25 0.88 10.52 -1.69
CA ARG A 25 1.97 9.63 -2.10
C ARG A 25 3.07 9.60 -1.04
N GLN A 26 3.24 10.72 -0.33
CA GLN A 26 4.26 10.81 0.71
C GLN A 26 4.08 9.70 1.74
N SER A 27 2.84 9.51 2.20
CA SER A 27 2.55 8.48 3.19
C SER A 27 2.67 7.10 2.59
N LEU A 28 2.28 6.96 1.32
CA LEU A 28 2.35 5.68 0.63
C LEU A 28 3.80 5.22 0.47
N SER A 29 4.68 6.16 0.12
CA SER A 29 6.09 5.86 -0.07
C SER A 29 6.69 5.26 1.21
N VAL A 30 6.72 6.06 2.27
CA VAL A 30 7.27 5.61 3.54
C VAL A 30 6.68 4.26 3.95
N HIS A 31 5.43 4.03 3.55
CA HIS A 31 4.75 2.77 3.87
C HIS A 31 5.36 1.61 3.10
N GLN A 32 5.36 1.74 1.77
CA GLN A 32 5.91 0.69 0.91
C GLN A 32 7.21 0.12 1.49
N ARG A 33 7.88 0.93 2.31
CA ARG A 33 9.12 0.50 2.94
C ARG A 33 8.92 -0.78 3.74
N ILE A 34 7.85 -0.83 4.51
CA ILE A 34 7.54 -2.00 5.32
C ILE A 34 7.74 -3.29 4.53
N HIS A 35 7.67 -3.18 3.21
CA HIS A 35 7.85 -4.33 2.33
C HIS A 35 9.33 -4.58 2.03
N SER A 36 10.19 -4.12 2.94
CA SER A 36 11.63 -4.29 2.78
C SER A 36 12.16 -5.39 3.68
N GLY A 37 13.15 -6.12 3.19
CA GLY A 37 13.73 -7.21 3.96
C GLY A 37 15.00 -7.75 3.34
N LYS A 38 16.00 -8.02 4.17
CA LYS A 38 17.28 -8.54 3.70
C LYS A 38 17.08 -9.86 2.95
N LYS A 39 16.47 -10.82 3.63
CA LYS A 39 16.22 -12.13 3.03
C LYS A 39 15.51 -11.99 1.69
N PRO A 40 15.75 -12.96 0.79
CA PRO A 40 15.14 -12.97 -0.54
C PRO A 40 13.63 -13.24 -0.49
N SER A 41 12.85 -12.26 -0.93
CA SER A 41 11.40 -12.39 -0.94
C SER A 41 10.93 -13.19 -2.15
N GLY A 42 10.09 -14.19 -1.92
CA GLY A 42 9.58 -15.00 -3.01
C GLY A 42 10.60 -16.00 -3.50
N PRO A 43 10.38 -16.51 -4.73
CA PRO A 43 11.28 -17.49 -5.35
C PRO A 43 12.63 -16.89 -5.73
N SER A 44 13.58 -17.74 -6.09
CA SER A 44 14.92 -17.29 -6.46
C SER A 44 15.09 -17.32 -7.98
N SER A 45 15.54 -16.20 -8.54
CA SER A 45 15.75 -16.10 -9.98
C SER A 45 14.58 -16.72 -10.75
N GLY A 46 13.36 -16.45 -10.27
CA GLY A 46 12.19 -16.97 -10.92
C GLY A 46 12.35 -18.43 -11.31
N GLY A 1 -12.66 -6.48 13.07
CA GLY A 1 -13.08 -7.56 12.19
C GLY A 1 -14.43 -7.30 11.57
N SER A 2 -15.42 -6.99 12.40
CA SER A 2 -16.77 -6.72 11.91
C SER A 2 -16.74 -5.75 10.73
N SER A 3 -17.72 -5.88 9.84
CA SER A 3 -17.81 -5.02 8.67
C SER A 3 -18.15 -3.59 9.07
N GLY A 4 -18.09 -2.69 8.09
CA GLY A 4 -18.39 -1.29 8.36
C GLY A 4 -17.78 -0.37 7.33
N SER A 5 -17.85 -0.75 6.07
CA SER A 5 -17.30 0.06 4.99
C SER A 5 -17.98 -0.27 3.66
N SER A 6 -18.65 0.71 3.08
CA SER A 6 -19.35 0.53 1.82
C SER A 6 -19.84 1.87 1.26
N GLY A 7 -19.90 1.96 -0.07
CA GLY A 7 -20.35 3.18 -0.70
C GLY A 7 -19.58 3.49 -1.97
N THR A 8 -18.99 4.68 -2.04
CA THR A 8 -18.23 5.10 -3.19
C THR A 8 -17.01 5.94 -2.79
N GLY A 9 -15.95 5.83 -3.57
CA GLY A 9 -14.74 6.58 -3.28
C GLY A 9 -13.47 5.77 -3.54
N GLU A 10 -12.42 6.46 -3.97
CA GLU A 10 -11.16 5.79 -4.27
C GLU A 10 -10.01 6.81 -4.31
N LYS A 11 -9.03 6.61 -3.43
CA LYS A 11 -7.88 7.51 -3.37
C LYS A 11 -6.99 7.34 -4.60
N PRO A 12 -6.31 8.43 -4.98
CA PRO A 12 -5.41 8.42 -6.14
C PRO A 12 -4.16 7.59 -5.91
N TYR A 13 -4.02 7.07 -4.70
CA TYR A 13 -2.86 6.26 -4.34
C TYR A 13 -3.29 5.00 -3.59
N GLU A 14 -2.74 3.86 -3.99
CA GLU A 14 -3.06 2.59 -3.35
C GLU A 14 -1.97 1.56 -3.60
N CYS A 15 -1.36 1.07 -2.52
CA CYS A 15 -0.29 0.09 -2.62
C CYS A 15 -0.69 -1.04 -3.57
N SER A 16 0.32 -1.71 -4.12
CA SER A 16 0.09 -2.80 -5.05
C SER A 16 0.87 -4.05 -4.64
N VAL A 17 1.26 -4.10 -3.37
CA VAL A 17 2.02 -5.24 -2.84
C VAL A 17 1.28 -5.90 -1.68
N CYS A 18 0.63 -5.07 -0.86
CA CYS A 18 -0.11 -5.57 0.29
C CYS A 18 -1.59 -5.25 0.16
N GLY A 19 -1.90 -4.11 -0.46
CA GLY A 19 -3.28 -3.71 -0.62
C GLY A 19 -3.70 -2.66 0.38
N LYS A 20 -3.14 -1.46 0.27
CA LYS A 20 -3.47 -0.37 1.18
C LYS A 20 -3.71 0.93 0.41
N ALA A 21 -4.34 1.89 1.08
CA ALA A 21 -4.63 3.18 0.45
C ALA A 21 -4.07 4.33 1.27
N PHE A 22 -3.68 5.40 0.60
CA PHE A 22 -3.12 6.57 1.26
C PHE A 22 -3.50 7.85 0.53
N SER A 23 -4.18 8.75 1.24
CA SER A 23 -4.61 10.01 0.67
C SER A 23 -3.43 10.78 0.08
N HIS A 24 -2.30 10.73 0.78
CA HIS A 24 -1.09 11.41 0.33
C HIS A 24 -0.11 10.43 -0.30
N ARG A 25 0.66 10.91 -1.27
CA ARG A 25 1.64 10.07 -1.96
C ARG A 25 2.74 9.64 -1.00
N GLN A 26 3.44 10.62 -0.41
CA GLN A 26 4.52 10.33 0.51
C GLN A 26 4.13 9.21 1.48
N SER A 27 2.90 9.26 1.98
CA SER A 27 2.42 8.25 2.91
C SER A 27 2.58 6.85 2.33
N LEU A 28 2.16 6.67 1.09
CA LEU A 28 2.27 5.38 0.42
C LEU A 28 3.73 4.97 0.25
N SER A 29 4.52 5.87 -0.32
CA SER A 29 5.94 5.60 -0.53
C SER A 29 6.62 5.16 0.75
N VAL A 30 6.48 5.97 1.80
CA VAL A 30 7.07 5.66 3.09
C VAL A 30 6.52 4.36 3.66
N HIS A 31 5.24 4.10 3.39
CA HIS A 31 4.60 2.89 3.88
C HIS A 31 5.21 1.65 3.23
N GLN A 32 5.20 1.61 1.91
CA GLN A 32 5.76 0.49 1.17
C GLN A 32 7.05 0.00 1.81
N ARG A 33 7.82 0.93 2.38
CA ARG A 33 9.07 0.60 3.02
C ARG A 33 8.93 -0.65 3.89
N ILE A 34 7.84 -0.72 4.64
CA ILE A 34 7.57 -1.87 5.50
C ILE A 34 7.90 -3.18 4.79
N HIS A 35 7.59 -3.24 3.51
CA HIS A 35 7.85 -4.43 2.71
C HIS A 35 9.33 -4.55 2.36
N SER A 36 10.00 -3.41 2.25
CA SER A 36 11.42 -3.37 1.92
C SER A 36 12.26 -3.05 3.16
N GLY A 37 11.85 -3.61 4.30
CA GLY A 37 12.58 -3.37 5.54
C GLY A 37 11.68 -3.41 6.76
N LYS A 38 12.26 -3.20 7.92
CA LYS A 38 11.49 -3.22 9.17
C LYS A 38 11.12 -4.63 9.56
N LYS A 39 12.07 -5.55 9.42
CA LYS A 39 11.84 -6.95 9.77
C LYS A 39 10.74 -7.54 8.90
N PRO A 40 10.90 -7.45 7.56
CA PRO A 40 9.93 -7.96 6.61
C PRO A 40 9.90 -9.49 6.58
N SER A 41 8.92 -10.04 5.88
CA SER A 41 8.78 -11.50 5.79
C SER A 41 9.92 -12.10 4.96
N GLY A 42 10.90 -12.65 5.66
CA GLY A 42 12.04 -13.25 4.99
C GLY A 42 13.28 -13.29 5.86
N PRO A 43 14.37 -13.88 5.33
CA PRO A 43 15.63 -13.99 6.05
C PRO A 43 16.33 -12.65 6.22
N SER A 44 16.38 -12.17 7.46
CA SER A 44 17.00 -10.89 7.77
C SER A 44 17.95 -11.02 8.96
N SER A 45 18.83 -10.03 9.12
CA SER A 45 19.79 -10.04 10.21
C SER A 45 19.17 -9.46 11.48
N GLY A 46 19.45 -10.10 12.61
CA GLY A 46 18.92 -9.63 13.88
C GLY A 46 17.88 -10.58 14.45
N GLY A 1 -32.95 -4.80 8.17
CA GLY A 1 -32.68 -3.61 7.38
C GLY A 1 -32.12 -3.96 6.02
N SER A 2 -32.75 -3.45 4.96
CA SER A 2 -32.30 -3.72 3.60
C SER A 2 -32.03 -2.42 2.86
N SER A 3 -30.75 -2.07 2.74
CA SER A 3 -30.35 -0.84 2.06
C SER A 3 -28.84 -0.78 1.89
N GLY A 4 -28.39 -0.62 0.64
CA GLY A 4 -26.97 -0.54 0.38
C GLY A 4 -26.36 0.76 0.83
N SER A 5 -25.21 1.11 0.27
CA SER A 5 -24.51 2.34 0.62
C SER A 5 -24.31 3.22 -0.60
N SER A 6 -24.32 4.54 -0.39
CA SER A 6 -24.15 5.50 -1.47
C SER A 6 -23.13 6.57 -1.09
N GLY A 7 -21.93 6.45 -1.65
CA GLY A 7 -20.88 7.42 -1.37
C GLY A 7 -19.55 6.76 -1.09
N THR A 8 -18.70 6.68 -2.11
CA THR A 8 -17.38 6.07 -1.98
C THR A 8 -16.31 6.95 -2.59
N GLY A 9 -15.39 7.42 -1.76
CA GLY A 9 -14.30 8.26 -2.23
C GLY A 9 -12.98 7.54 -2.29
N GLU A 10 -12.69 6.92 -3.44
CA GLU A 10 -11.45 6.19 -3.62
C GLU A 10 -10.25 7.13 -3.60
N LYS A 11 -9.06 6.57 -3.37
CA LYS A 11 -7.84 7.36 -3.32
C LYS A 11 -6.97 7.09 -4.55
N PRO A 12 -6.36 8.15 -5.09
CA PRO A 12 -5.48 8.04 -6.26
C PRO A 12 -4.18 7.32 -5.95
N TYR A 13 -4.04 6.85 -4.71
CA TYR A 13 -2.83 6.15 -4.29
C TYR A 13 -3.19 4.82 -3.61
N GLU A 14 -2.68 3.73 -4.16
CA GLU A 14 -2.93 2.40 -3.61
C GLU A 14 -1.67 1.54 -3.66
N CYS A 15 -1.27 1.05 -2.49
CA CYS A 15 -0.08 0.20 -2.39
C CYS A 15 -0.18 -1.00 -3.32
N SER A 16 0.80 -1.14 -4.21
CA SER A 16 0.81 -2.26 -5.16
C SER A 16 1.41 -3.51 -4.53
N VAL A 17 1.35 -3.58 -3.20
CA VAL A 17 1.89 -4.72 -2.47
C VAL A 17 0.80 -5.38 -1.61
N CYS A 18 0.44 -4.71 -0.52
CA CYS A 18 -0.57 -5.23 0.39
C CYS A 18 -1.97 -4.83 -0.08
N GLY A 19 -2.07 -3.69 -0.74
CA GLY A 19 -3.35 -3.22 -1.24
C GLY A 19 -3.97 -2.17 -0.34
N LYS A 20 -3.15 -1.29 0.20
CA LYS A 20 -3.62 -0.22 1.08
C LYS A 20 -3.87 1.05 0.30
N ALA A 21 -4.48 2.03 0.96
CA ALA A 21 -4.79 3.32 0.34
C ALA A 21 -4.35 4.48 1.22
N PHE A 22 -3.65 5.44 0.62
CA PHE A 22 -3.19 6.61 1.36
C PHE A 22 -3.55 7.91 0.63
N SER A 23 -4.27 8.78 1.32
CA SER A 23 -4.69 10.06 0.73
C SER A 23 -3.48 10.83 0.19
N HIS A 24 -2.36 10.74 0.91
CA HIS A 24 -1.14 11.43 0.50
C HIS A 24 -0.19 10.47 -0.21
N ARG A 25 0.57 11.00 -1.16
CA ARG A 25 1.52 10.19 -1.92
C ARG A 25 2.69 9.74 -1.03
N GLN A 26 3.40 10.71 -0.49
CA GLN A 26 4.54 10.42 0.38
C GLN A 26 4.22 9.29 1.34
N SER A 27 3.13 9.46 2.10
CA SER A 27 2.71 8.44 3.06
C SER A 27 2.84 7.05 2.48
N LEU A 28 2.30 6.86 1.28
CA LEU A 28 2.35 5.57 0.60
C LEU A 28 3.80 5.11 0.41
N SER A 29 4.58 5.93 -0.30
CA SER A 29 5.97 5.59 -0.56
C SER A 29 6.67 5.12 0.71
N VAL A 30 6.57 5.92 1.77
CA VAL A 30 7.18 5.58 3.04
C VAL A 30 6.59 4.30 3.62
N HIS A 31 5.30 4.09 3.38
CA HIS A 31 4.61 2.91 3.87
C HIS A 31 5.14 1.65 3.19
N GLN A 32 5.08 1.63 1.86
CA GLN A 32 5.56 0.49 1.09
C GLN A 32 6.85 -0.06 1.67
N ARG A 33 7.65 0.83 2.27
CA ARG A 33 8.93 0.43 2.86
C ARG A 33 8.75 -0.81 3.73
N ILE A 34 7.74 -0.79 4.60
CA ILE A 34 7.46 -1.90 5.48
C ILE A 34 7.65 -3.24 4.77
N HIS A 35 7.42 -3.23 3.45
CA HIS A 35 7.57 -4.44 2.65
C HIS A 35 9.02 -4.63 2.23
N SER A 36 9.95 -4.14 3.04
CA SER A 36 11.37 -4.26 2.74
C SER A 36 12.04 -5.27 3.67
N GLY A 37 12.43 -6.41 3.11
CA GLY A 37 13.08 -7.44 3.90
C GLY A 37 12.45 -7.59 5.28
N LYS A 38 11.14 -7.81 5.32
CA LYS A 38 10.43 -7.97 6.58
C LYS A 38 11.19 -8.89 7.52
N LYS A 39 11.33 -8.46 8.78
CA LYS A 39 12.03 -9.25 9.78
C LYS A 39 11.13 -10.34 10.35
N PRO A 40 11.63 -11.58 10.33
CA PRO A 40 10.90 -12.75 10.84
C PRO A 40 10.75 -12.71 12.35
N SER A 41 11.87 -12.54 13.05
CA SER A 41 11.87 -12.50 14.51
C SER A 41 12.72 -11.34 15.02
N GLY A 42 12.08 -10.20 15.27
CA GLY A 42 12.79 -9.04 15.77
C GLY A 42 12.64 -8.86 17.26
N PRO A 43 11.50 -8.32 17.69
CA PRO A 43 11.22 -8.09 19.12
C PRO A 43 11.02 -9.39 19.88
N SER A 44 10.57 -10.43 19.18
CA SER A 44 10.33 -11.72 19.80
C SER A 44 9.36 -11.60 20.96
N SER A 45 8.32 -10.79 20.76
CA SER A 45 7.30 -10.58 21.79
C SER A 45 6.16 -11.57 21.65
N GLY A 46 5.67 -11.72 20.42
CA GLY A 46 4.57 -12.64 20.16
C GLY A 46 3.36 -11.94 19.58
N GLY A 1 -29.98 9.19 9.40
CA GLY A 1 -29.35 9.69 8.19
C GLY A 1 -28.25 8.78 7.70
N SER A 2 -27.41 9.31 6.81
CA SER A 2 -26.29 8.55 6.26
C SER A 2 -25.17 8.41 7.27
N SER A 3 -25.24 7.36 8.10
CA SER A 3 -24.24 7.12 9.12
C SER A 3 -23.19 6.13 8.62
N GLY A 4 -22.78 6.30 7.37
CA GLY A 4 -21.78 5.41 6.79
C GLY A 4 -20.48 6.13 6.45
N SER A 5 -19.52 6.05 7.35
CA SER A 5 -18.22 6.70 7.14
C SER A 5 -17.12 5.68 6.94
N SER A 6 -17.42 4.64 6.16
CA SER A 6 -16.44 3.59 5.89
C SER A 6 -15.45 4.01 4.82
N GLY A 7 -15.98 4.55 3.72
CA GLY A 7 -15.13 5.00 2.63
C GLY A 7 -15.83 5.98 1.71
N THR A 8 -15.19 7.12 1.49
CA THR A 8 -15.77 8.14 0.61
C THR A 8 -14.68 8.86 -0.19
N GLY A 9 -14.87 8.94 -1.50
CA GLY A 9 -13.90 9.59 -2.36
C GLY A 9 -12.68 8.74 -2.60
N GLU A 10 -12.63 8.09 -3.76
CA GLU A 10 -11.50 7.23 -4.11
C GLU A 10 -10.18 8.00 -4.03
N LYS A 11 -9.15 7.35 -3.53
CA LYS A 11 -7.83 7.97 -3.41
C LYS A 11 -6.96 7.66 -4.62
N PRO A 12 -6.17 8.66 -5.06
CA PRO A 12 -5.28 8.50 -6.20
C PRO A 12 -4.10 7.57 -5.91
N TYR A 13 -3.99 7.14 -4.66
CA TYR A 13 -2.92 6.24 -4.25
C TYR A 13 -3.48 4.98 -3.61
N GLU A 14 -2.94 3.84 -4.02
CA GLU A 14 -3.38 2.54 -3.50
C GLU A 14 -2.30 1.48 -3.67
N CYS A 15 -1.64 1.13 -2.57
CA CYS A 15 -0.59 0.13 -2.59
C CYS A 15 -1.08 -1.18 -3.20
N SER A 16 -0.34 -1.71 -4.16
CA SER A 16 -0.71 -2.94 -4.83
C SER A 16 0.03 -4.13 -4.20
N VAL A 17 1.27 -3.91 -3.82
CA VAL A 17 2.09 -4.96 -3.21
C VAL A 17 1.34 -5.63 -2.06
N CYS A 18 0.65 -4.82 -1.27
CA CYS A 18 -0.11 -5.34 -0.13
C CYS A 18 -1.61 -5.09 -0.32
N GLY A 19 -1.94 -3.94 -0.89
CA GLY A 19 -3.34 -3.60 -1.13
C GLY A 19 -3.82 -2.48 -0.24
N LYS A 20 -2.88 -1.74 0.35
CA LYS A 20 -3.21 -0.62 1.23
C LYS A 20 -3.58 0.61 0.42
N ALA A 21 -4.28 1.54 1.06
CA ALA A 21 -4.70 2.78 0.40
C ALA A 21 -4.30 4.00 1.23
N PHE A 22 -3.93 5.07 0.54
CA PHE A 22 -3.52 6.31 1.21
C PHE A 22 -4.03 7.52 0.45
N SER A 23 -4.18 8.64 1.16
CA SER A 23 -4.66 9.88 0.55
C SER A 23 -3.50 10.73 0.06
N HIS A 24 -2.33 10.52 0.67
CA HIS A 24 -1.13 11.28 0.30
C HIS A 24 -0.13 10.36 -0.40
N ARG A 25 0.73 10.96 -1.23
CA ARG A 25 1.75 10.21 -1.95
C ARG A 25 2.91 9.83 -1.03
N GLN A 26 3.55 10.85 -0.45
CA GLN A 26 4.67 10.63 0.45
C GLN A 26 4.37 9.52 1.44
N SER A 27 3.16 9.55 2.00
CA SER A 27 2.75 8.55 2.97
C SER A 27 2.88 7.14 2.39
N LEU A 28 2.36 6.95 1.18
CA LEU A 28 2.42 5.66 0.51
C LEU A 28 3.87 5.21 0.32
N SER A 29 4.67 6.06 -0.29
CA SER A 29 6.07 5.75 -0.54
C SER A 29 6.73 5.19 0.73
N VAL A 30 6.62 5.94 1.82
CA VAL A 30 7.20 5.52 3.08
C VAL A 30 6.63 4.18 3.55
N HIS A 31 5.31 4.08 3.56
CA HIS A 31 4.63 2.85 3.96
C HIS A 31 5.22 1.64 3.25
N GLN A 32 5.40 1.77 1.94
CA GLN A 32 5.96 0.68 1.14
C GLN A 32 7.21 0.11 1.79
N ARG A 33 7.90 0.95 2.56
CA ARG A 33 9.12 0.53 3.24
C ARG A 33 8.90 -0.79 3.99
N ILE A 34 7.77 -0.89 4.68
CA ILE A 34 7.44 -2.09 5.43
C ILE A 34 7.68 -3.34 4.60
N HIS A 35 7.46 -3.24 3.30
CA HIS A 35 7.67 -4.36 2.39
C HIS A 35 9.15 -4.56 2.08
N SER A 36 9.91 -3.48 2.17
CA SER A 36 11.34 -3.52 1.89
C SER A 36 11.60 -3.99 0.47
N GLY A 37 10.72 -3.62 -0.44
CA GLY A 37 10.87 -4.01 -1.84
C GLY A 37 11.29 -5.46 -1.99
N LYS A 38 10.32 -6.36 -1.93
CA LYS A 38 10.59 -7.79 -2.06
C LYS A 38 11.13 -8.12 -3.45
N LYS A 39 12.37 -8.62 -3.49
CA LYS A 39 13.00 -8.98 -4.76
C LYS A 39 12.72 -10.43 -5.11
N PRO A 40 12.13 -10.64 -6.30
CA PRO A 40 11.80 -11.99 -6.79
C PRO A 40 13.04 -12.79 -7.15
N SER A 41 13.98 -12.16 -7.84
CA SER A 41 15.21 -12.82 -8.25
C SER A 41 16.27 -11.80 -8.63
N GLY A 42 17.32 -11.72 -7.81
CA GLY A 42 18.39 -10.77 -8.08
C GLY A 42 19.50 -11.38 -8.92
N PRO A 43 20.71 -10.82 -8.81
CA PRO A 43 21.88 -11.29 -9.55
C PRO A 43 22.37 -12.64 -9.06
N SER A 44 23.50 -13.09 -9.60
CA SER A 44 24.07 -14.38 -9.23
C SER A 44 25.18 -14.21 -8.19
N SER A 45 24.81 -14.20 -6.92
CA SER A 45 25.77 -14.03 -5.84
C SER A 45 26.00 -15.34 -5.11
N GLY A 46 24.91 -15.95 -4.64
CA GLY A 46 25.01 -17.21 -3.92
C GLY A 46 24.01 -17.31 -2.78
N GLY A 1 -31.64 -5.22 -14.01
CA GLY A 1 -31.50 -4.23 -12.95
C GLY A 1 -30.11 -4.19 -12.38
N SER A 2 -29.38 -3.12 -12.67
CA SER A 2 -28.01 -2.96 -12.18
C SER A 2 -27.62 -1.49 -12.11
N SER A 3 -26.72 -1.16 -11.19
CA SER A 3 -26.27 0.22 -11.03
C SER A 3 -24.75 0.31 -11.16
N GLY A 4 -24.28 1.42 -11.70
CA GLY A 4 -22.85 1.62 -11.89
C GLY A 4 -22.38 2.97 -11.40
N SER A 5 -22.98 4.04 -11.93
CA SER A 5 -22.62 5.38 -11.55
C SER A 5 -22.91 5.64 -10.08
N SER A 6 -21.88 5.54 -9.25
CA SER A 6 -22.03 5.75 -7.81
C SER A 6 -21.00 6.77 -7.30
N GLY A 7 -21.48 7.77 -6.59
CA GLY A 7 -20.60 8.80 -6.05
C GLY A 7 -19.73 8.27 -4.92
N THR A 8 -18.60 7.66 -5.28
CA THR A 8 -17.68 7.12 -4.28
C THR A 8 -16.25 7.60 -4.54
N GLY A 9 -15.89 8.72 -3.93
CA GLY A 9 -14.56 9.26 -4.10
C GLY A 9 -13.49 8.34 -3.55
N GLU A 10 -12.78 7.67 -4.45
CA GLU A 10 -11.72 6.75 -4.04
C GLU A 10 -10.35 7.41 -4.18
N LYS A 11 -9.47 7.17 -3.21
CA LYS A 11 -8.13 7.73 -3.22
C LYS A 11 -7.38 7.32 -4.48
N PRO A 12 -6.62 8.27 -5.05
CA PRO A 12 -5.84 8.02 -6.26
C PRO A 12 -4.66 7.09 -6.02
N TYR A 13 -4.20 7.04 -4.77
CA TYR A 13 -3.08 6.18 -4.40
C TYR A 13 -3.55 4.95 -3.66
N GLU A 14 -3.05 3.78 -4.07
CA GLU A 14 -3.43 2.53 -3.43
C GLU A 14 -2.35 1.48 -3.62
N CYS A 15 -1.72 1.05 -2.53
CA CYS A 15 -0.67 0.04 -2.58
C CYS A 15 -1.19 -1.26 -3.17
N SER A 16 -0.34 -1.96 -3.91
CA SER A 16 -0.72 -3.22 -4.53
C SER A 16 -0.12 -4.40 -3.77
N VAL A 17 1.20 -4.34 -3.56
CA VAL A 17 1.89 -5.41 -2.83
C VAL A 17 1.05 -5.95 -1.70
N CYS A 18 0.44 -5.04 -0.92
CA CYS A 18 -0.40 -5.42 0.20
C CYS A 18 -1.86 -5.12 -0.08
N GLY A 19 -2.11 -3.96 -0.70
CA GLY A 19 -3.48 -3.58 -1.02
C GLY A 19 -3.98 -2.46 -0.13
N LYS A 20 -3.05 -1.68 0.42
CA LYS A 20 -3.41 -0.56 1.28
C LYS A 20 -3.77 0.67 0.47
N ALA A 21 -4.27 1.70 1.15
CA ALA A 21 -4.66 2.94 0.49
C ALA A 21 -4.11 4.15 1.23
N PHE A 22 -3.95 5.26 0.50
CA PHE A 22 -3.43 6.49 1.09
C PHE A 22 -3.94 7.71 0.33
N SER A 23 -3.85 8.88 0.97
CA SER A 23 -4.30 10.12 0.36
C SER A 23 -3.17 10.80 -0.40
N HIS A 24 -1.99 10.82 0.21
CA HIS A 24 -0.81 11.44 -0.41
C HIS A 24 0.27 10.40 -0.68
N ARG A 25 1.23 10.76 -1.51
CA ARG A 25 2.33 9.86 -1.86
C ARG A 25 3.27 9.68 -0.67
N GLN A 26 3.76 10.78 -0.14
CA GLN A 26 4.68 10.74 1.00
C GLN A 26 4.29 9.63 1.97
N SER A 27 2.99 9.45 2.17
CA SER A 27 2.48 8.43 3.07
C SER A 27 2.68 7.03 2.48
N LEU A 28 2.14 6.81 1.28
CA LEU A 28 2.25 5.53 0.61
C LEU A 28 3.71 5.09 0.53
N SER A 29 4.60 6.05 0.29
CA SER A 29 6.02 5.76 0.18
C SER A 29 6.58 5.26 1.51
N VAL A 30 6.48 6.09 2.54
CA VAL A 30 6.97 5.73 3.86
C VAL A 30 6.38 4.39 4.32
N HIS A 31 5.33 3.95 3.64
CA HIS A 31 4.68 2.70 3.98
C HIS A 31 5.27 1.55 3.16
N GLN A 32 5.15 1.65 1.84
CA GLN A 32 5.66 0.62 0.95
C GLN A 32 6.99 0.08 1.45
N ARG A 33 7.85 0.99 1.91
CA ARG A 33 9.17 0.61 2.41
C ARG A 33 9.07 -0.63 3.30
N ILE A 34 8.06 -0.65 4.17
CA ILE A 34 7.85 -1.78 5.07
C ILE A 34 7.98 -3.11 4.34
N HIS A 35 7.50 -3.14 3.10
CA HIS A 35 7.56 -4.35 2.29
C HIS A 35 8.98 -4.61 1.81
N SER A 36 9.75 -3.54 1.63
CA SER A 36 11.13 -3.66 1.18
C SER A 36 12.06 -3.94 2.35
N GLY A 37 12.16 -5.22 2.73
CA GLY A 37 13.02 -5.61 3.83
C GLY A 37 12.94 -7.08 4.13
N LYS A 38 11.76 -7.67 3.96
CA LYS A 38 11.55 -9.09 4.21
C LYS A 38 11.82 -9.91 2.95
N LYS A 39 12.93 -9.60 2.27
CA LYS A 39 13.30 -10.31 1.06
C LYS A 39 14.77 -10.72 1.09
N PRO A 40 15.09 -11.86 0.47
CA PRO A 40 16.46 -12.38 0.41
C PRO A 40 17.37 -11.53 -0.47
N SER A 41 18.26 -10.77 0.17
CA SER A 41 19.18 -9.90 -0.55
C SER A 41 20.60 -10.08 -0.02
N GLY A 42 21.37 -10.94 -0.68
CA GLY A 42 22.75 -11.18 -0.27
C GLY A 42 23.74 -10.90 -1.38
N PRO A 43 23.82 -11.82 -2.35
CA PRO A 43 24.73 -11.68 -3.49
C PRO A 43 24.33 -10.56 -4.44
N SER A 44 23.24 -9.87 -4.10
CA SER A 44 22.74 -8.78 -4.92
C SER A 44 22.39 -7.56 -4.07
N SER A 45 23.03 -6.44 -4.36
CA SER A 45 22.79 -5.21 -3.61
C SER A 45 22.48 -4.04 -4.55
N GLY A 46 21.39 -3.34 -4.28
CA GLY A 46 21.01 -2.22 -5.12
C GLY A 46 21.90 -1.01 -4.90
N GLY A 1 -28.82 5.31 -3.87
CA GLY A 1 -28.21 4.10 -3.36
C GLY A 1 -26.77 3.96 -3.79
N SER A 2 -25.86 4.57 -3.03
CA SER A 2 -24.44 4.52 -3.36
C SER A 2 -23.62 4.20 -2.10
N SER A 3 -22.41 3.68 -2.31
CA SER A 3 -21.53 3.32 -1.21
C SER A 3 -20.43 4.36 -1.05
N GLY A 4 -19.85 4.42 0.16
CA GLY A 4 -18.78 5.36 0.41
C GLY A 4 -18.22 5.24 1.82
N SER A 5 -17.00 5.71 2.02
CA SER A 5 -16.35 5.64 3.32
C SER A 5 -15.85 7.01 3.76
N SER A 6 -15.73 7.20 5.07
CA SER A 6 -15.26 8.47 5.61
C SER A 6 -14.06 8.26 6.52
N GLY A 7 -12.95 8.93 6.19
CA GLY A 7 -11.75 8.79 6.98
C GLY A 7 -10.91 10.07 6.99
N THR A 8 -10.31 10.38 5.84
CA THR A 8 -9.49 11.58 5.72
C THR A 8 -9.81 12.34 4.43
N GLY A 9 -9.84 11.62 3.32
CA GLY A 9 -10.15 12.25 2.04
C GLY A 9 -9.90 11.32 0.87
N GLU A 10 -10.08 11.83 -0.34
CA GLU A 10 -9.88 11.04 -1.55
C GLU A 10 -8.50 10.39 -1.55
N LYS A 11 -8.47 9.09 -1.83
CA LYS A 11 -7.22 8.35 -1.86
C LYS A 11 -6.94 7.80 -3.26
N PRO A 12 -6.49 8.69 -4.16
CA PRO A 12 -6.18 8.31 -5.54
C PRO A 12 -4.94 7.43 -5.64
N TYR A 13 -4.42 7.02 -4.49
CA TYR A 13 -3.24 6.17 -4.45
C TYR A 13 -3.53 4.85 -3.74
N GLU A 14 -2.77 3.81 -4.09
CA GLU A 14 -2.94 2.50 -3.48
C GLU A 14 -1.67 1.68 -3.58
N CYS A 15 -1.34 0.97 -2.51
CA CYS A 15 -0.15 0.13 -2.48
C CYS A 15 -0.28 -1.06 -3.43
N SER A 16 0.68 -1.20 -4.34
CA SER A 16 0.66 -2.29 -5.31
C SER A 16 1.25 -3.55 -4.71
N VAL A 17 1.20 -3.66 -3.39
CA VAL A 17 1.74 -4.83 -2.70
C VAL A 17 0.68 -5.46 -1.80
N CYS A 18 0.35 -4.79 -0.70
CA CYS A 18 -0.64 -5.30 0.24
C CYS A 18 -2.05 -4.90 -0.19
N GLY A 19 -2.17 -3.72 -0.80
CA GLY A 19 -3.46 -3.24 -1.25
C GLY A 19 -3.89 -1.97 -0.54
N LYS A 20 -3.28 -1.70 0.61
CA LYS A 20 -3.60 -0.51 1.38
C LYS A 20 -3.76 0.71 0.48
N ALA A 21 -4.34 1.77 1.02
CA ALA A 21 -4.56 3.00 0.25
C ALA A 21 -4.24 4.22 1.09
N PHE A 22 -3.78 5.28 0.43
CA PHE A 22 -3.43 6.52 1.12
C PHE A 22 -3.87 7.74 0.31
N SER A 23 -3.86 8.90 0.94
CA SER A 23 -4.27 10.14 0.29
C SER A 23 -3.10 10.76 -0.47
N HIS A 24 -1.98 10.95 0.22
CA HIS A 24 -0.79 11.54 -0.37
C HIS A 24 0.28 10.48 -0.60
N ARG A 25 1.07 10.66 -1.65
CA ARG A 25 2.14 9.72 -1.98
C ARG A 25 3.07 9.52 -0.79
N GLN A 26 3.55 10.62 -0.22
CA GLN A 26 4.45 10.55 0.92
C GLN A 26 4.09 9.38 1.84
N SER A 27 2.84 9.34 2.27
CA SER A 27 2.38 8.28 3.15
C SER A 27 2.60 6.92 2.51
N LEU A 28 2.14 6.75 1.28
CA LEU A 28 2.29 5.49 0.56
C LEU A 28 3.76 5.10 0.47
N SER A 29 4.55 5.94 -0.19
CA SER A 29 5.98 5.68 -0.35
C SER A 29 6.60 5.22 0.96
N VAL A 30 6.45 6.03 2.00
CA VAL A 30 6.99 5.71 3.31
C VAL A 30 6.46 4.39 3.82
N HIS A 31 5.20 4.09 3.50
CA HIS A 31 4.57 2.84 3.92
C HIS A 31 5.21 1.65 3.21
N GLN A 32 5.11 1.63 1.89
CA GLN A 32 5.68 0.55 1.09
C GLN A 32 6.99 0.06 1.70
N ARG A 33 7.74 0.98 2.31
CA ARG A 33 9.01 0.63 2.92
C ARG A 33 8.91 -0.67 3.71
N ILE A 34 7.85 -0.79 4.50
CA ILE A 34 7.64 -1.99 5.30
C ILE A 34 7.90 -3.25 4.49
N HIS A 35 7.50 -3.22 3.22
CA HIS A 35 7.69 -4.37 2.34
C HIS A 35 9.16 -4.51 1.95
N SER A 36 9.86 -3.38 1.89
CA SER A 36 11.27 -3.38 1.53
C SER A 36 11.50 -4.16 0.24
N GLY A 37 10.60 -3.95 -0.73
CA GLY A 37 10.72 -4.64 -2.00
C GLY A 37 12.16 -4.73 -2.49
N LYS A 38 12.80 -3.57 -2.62
CA LYS A 38 14.19 -3.52 -3.07
C LYS A 38 15.11 -4.25 -2.10
N LYS A 39 16.35 -4.47 -2.52
CA LYS A 39 17.33 -5.15 -1.69
C LYS A 39 18.74 -4.99 -2.24
N PRO A 40 19.67 -4.54 -1.40
CA PRO A 40 21.06 -4.33 -1.79
C PRO A 40 21.80 -5.65 -2.05
N SER A 41 21.62 -6.59 -1.14
CA SER A 41 22.27 -7.90 -1.26
C SER A 41 21.52 -8.79 -2.25
N GLY A 42 22.07 -8.94 -3.44
CA GLY A 42 21.45 -9.77 -4.46
C GLY A 42 22.29 -10.98 -4.83
N PRO A 43 23.01 -10.87 -5.96
CA PRO A 43 23.87 -11.94 -6.45
C PRO A 43 25.10 -12.15 -5.57
N SER A 44 25.36 -13.41 -5.21
CA SER A 44 26.50 -13.74 -4.37
C SER A 44 27.68 -14.23 -5.22
N SER A 45 28.88 -13.97 -4.73
CA SER A 45 30.09 -14.37 -5.44
C SER A 45 30.56 -15.75 -4.98
N GLY A 46 29.62 -16.66 -4.80
CA GLY A 46 29.95 -18.01 -4.36
C GLY A 46 29.93 -18.14 -2.85
N GLY A 1 -26.88 -3.25 11.91
CA GLY A 1 -27.17 -2.25 10.90
C GLY A 1 -26.78 -0.86 11.34
N SER A 2 -25.89 -0.22 10.57
CA SER A 2 -25.43 1.12 10.88
C SER A 2 -24.77 1.77 9.67
N SER A 3 -24.94 3.09 9.54
CA SER A 3 -24.36 3.83 8.43
C SER A 3 -23.22 4.71 8.89
N GLY A 4 -23.48 5.52 9.91
CA GLY A 4 -22.46 6.41 10.44
C GLY A 4 -22.17 7.58 9.51
N SER A 5 -21.01 8.20 9.70
CA SER A 5 -20.62 9.34 8.88
C SER A 5 -19.17 9.20 8.41
N SER A 6 -18.99 9.12 7.10
CA SER A 6 -17.65 8.99 6.52
C SER A 6 -17.57 9.69 5.17
N GLY A 7 -16.37 10.17 4.85
CA GLY A 7 -16.18 10.87 3.59
C GLY A 7 -15.49 10.00 2.55
N THR A 8 -16.01 10.00 1.33
CA THR A 8 -15.45 9.21 0.24
C THR A 8 -13.94 9.37 0.18
N GLY A 9 -13.45 10.53 0.62
CA GLY A 9 -12.01 10.78 0.60
C GLY A 9 -11.33 10.17 -0.61
N GLU A 10 -11.44 10.86 -1.74
CA GLU A 10 -10.84 10.38 -2.98
C GLU A 10 -9.35 10.08 -2.78
N LYS A 11 -8.98 8.81 -2.95
CA LYS A 11 -7.60 8.38 -2.79
C LYS A 11 -7.01 7.91 -4.10
N PRO A 12 -6.32 8.83 -4.80
CA PRO A 12 -5.69 8.52 -6.09
C PRO A 12 -4.50 7.57 -5.95
N TYR A 13 -4.17 7.22 -4.71
CA TYR A 13 -3.06 6.31 -4.45
C TYR A 13 -3.54 5.05 -3.74
N GLU A 14 -2.89 3.93 -4.04
CA GLU A 14 -3.25 2.66 -3.43
C GLU A 14 -2.15 1.62 -3.65
N CYS A 15 -1.63 1.07 -2.55
CA CYS A 15 -0.58 0.07 -2.61
C CYS A 15 -1.05 -1.17 -3.36
N SER A 16 -0.12 -1.86 -4.02
CA SER A 16 -0.44 -3.06 -4.77
C SER A 16 0.11 -4.31 -4.07
N VAL A 17 1.35 -4.22 -3.62
CA VAL A 17 1.99 -5.34 -2.93
C VAL A 17 1.08 -5.91 -1.84
N CYS A 18 0.35 -5.02 -1.17
CA CYS A 18 -0.56 -5.42 -0.11
C CYS A 18 -1.99 -5.00 -0.43
N GLY A 19 -2.14 -3.83 -1.05
CA GLY A 19 -3.45 -3.34 -1.39
C GLY A 19 -3.84 -2.12 -0.59
N LYS A 20 -3.07 -1.83 0.46
CA LYS A 20 -3.34 -0.68 1.31
C LYS A 20 -3.67 0.55 0.48
N ALA A 21 -4.17 1.60 1.15
CA ALA A 21 -4.54 2.83 0.47
C ALA A 21 -4.06 4.04 1.26
N PHE A 22 -3.91 5.17 0.57
CA PHE A 22 -3.46 6.40 1.20
C PHE A 22 -3.98 7.63 0.45
N SER A 23 -3.81 8.80 1.05
CA SER A 23 -4.27 10.04 0.44
C SER A 23 -3.10 10.81 -0.18
N HIS A 24 -1.97 10.81 0.53
CA HIS A 24 -0.78 11.51 0.06
C HIS A 24 0.30 10.51 -0.36
N ARG A 25 0.90 10.76 -1.52
CA ARG A 25 1.95 9.89 -2.04
C ARG A 25 3.00 9.60 -0.97
N GLN A 26 3.33 10.62 -0.19
CA GLN A 26 4.32 10.48 0.87
C GLN A 26 3.97 9.31 1.79
N SER A 27 2.70 9.23 2.19
CA SER A 27 2.23 8.16 3.07
C SER A 27 2.52 6.80 2.46
N LEU A 28 2.15 6.63 1.20
CA LEU A 28 2.36 5.36 0.50
C LEU A 28 3.85 5.05 0.38
N SER A 29 4.58 5.90 -0.33
CA SER A 29 6.01 5.71 -0.53
C SER A 29 6.67 5.25 0.77
N VAL A 30 6.44 5.99 1.85
CA VAL A 30 7.02 5.65 3.14
C VAL A 30 6.52 4.28 3.62
N HIS A 31 5.23 4.03 3.45
CA HIS A 31 4.63 2.77 3.86
C HIS A 31 5.31 1.60 3.16
N GLN A 32 5.38 1.65 1.84
CA GLN A 32 6.01 0.59 1.06
C GLN A 32 7.28 0.10 1.74
N ARG A 33 7.98 1.01 2.41
CA ARG A 33 9.21 0.66 3.10
C ARG A 33 9.01 -0.59 3.96
N ILE A 34 7.90 -0.63 4.69
CA ILE A 34 7.60 -1.76 5.55
C ILE A 34 7.82 -3.09 4.83
N HIS A 35 7.60 -3.08 3.52
CA HIS A 35 7.77 -4.29 2.71
C HIS A 35 9.25 -4.54 2.44
N SER A 36 10.03 -3.47 2.39
CA SER A 36 11.46 -3.57 2.14
C SER A 36 11.73 -4.17 0.76
N GLY A 37 10.87 -3.83 -0.20
CA GLY A 37 11.02 -4.35 -1.55
C GLY A 37 9.99 -5.40 -1.89
N LYS A 38 10.46 -6.57 -2.32
CA LYS A 38 9.58 -7.67 -2.68
C LYS A 38 10.21 -9.01 -2.34
N LYS A 39 9.37 -10.03 -2.18
CA LYS A 39 9.86 -11.37 -1.86
C LYS A 39 9.80 -12.28 -3.08
N PRO A 40 10.97 -12.76 -3.52
CA PRO A 40 11.07 -13.65 -4.67
C PRO A 40 10.49 -15.03 -4.41
N SER A 41 9.19 -15.18 -4.65
CA SER A 41 8.51 -16.45 -4.42
C SER A 41 9.14 -17.56 -5.28
N GLY A 42 10.08 -18.28 -4.68
CA GLY A 42 10.75 -19.35 -5.40
C GLY A 42 9.98 -20.66 -5.34
N PRO A 43 10.51 -21.70 -5.97
CA PRO A 43 9.88 -23.03 -5.99
C PRO A 43 9.91 -23.71 -4.63
N SER A 44 10.79 -23.25 -3.76
CA SER A 44 10.92 -23.81 -2.42
C SER A 44 10.75 -22.73 -1.35
N SER A 45 10.34 -23.15 -0.15
CA SER A 45 10.14 -22.22 0.95
C SER A 45 11.25 -22.37 1.99
N GLY A 46 12.03 -21.31 2.17
CA GLY A 46 13.11 -21.34 3.14
C GLY A 46 12.89 -20.38 4.28
N GLY A 1 -20.96 0.32 6.07
CA GLY A 1 -21.35 1.59 6.66
C GLY A 1 -22.78 1.97 6.34
N SER A 2 -23.07 3.27 6.39
CA SER A 2 -24.41 3.77 6.09
C SER A 2 -24.43 4.55 4.78
N SER A 3 -23.45 5.41 4.60
CA SER A 3 -23.36 6.22 3.38
C SER A 3 -22.61 5.47 2.28
N GLY A 4 -22.65 6.01 1.07
CA GLY A 4 -21.98 5.38 -0.05
C GLY A 4 -20.90 6.26 -0.64
N SER A 5 -21.18 7.56 -0.74
CA SER A 5 -20.23 8.50 -1.31
C SER A 5 -18.93 8.50 -0.51
N SER A 6 -17.89 9.12 -1.08
CA SER A 6 -16.59 9.18 -0.42
C SER A 6 -16.71 9.81 0.96
N GLY A 7 -15.67 9.62 1.78
CA GLY A 7 -15.68 10.18 3.11
C GLY A 7 -15.00 11.53 3.18
N THR A 8 -13.67 11.52 3.24
CA THR A 8 -12.90 12.75 3.32
C THR A 8 -11.77 12.76 2.29
N GLY A 9 -12.04 13.35 1.13
CA GLY A 9 -11.03 13.42 0.08
C GLY A 9 -10.78 12.07 -0.55
N GLU A 10 -10.62 12.05 -1.86
CA GLU A 10 -10.36 10.81 -2.59
C GLU A 10 -8.92 10.37 -2.41
N LYS A 11 -8.64 9.13 -2.80
CA LYS A 11 -7.30 8.57 -2.68
C LYS A 11 -6.82 8.00 -4.02
N PRO A 12 -6.13 8.85 -4.80
CA PRO A 12 -5.60 8.45 -6.11
C PRO A 12 -4.45 7.46 -5.99
N TYR A 13 -4.12 7.08 -4.76
CA TYR A 13 -3.03 6.14 -4.52
C TYR A 13 -3.55 4.90 -3.78
N GLU A 14 -3.03 3.74 -4.16
CA GLU A 14 -3.44 2.48 -3.53
C GLU A 14 -2.36 1.41 -3.71
N CYS A 15 -1.65 1.12 -2.63
CA CYS A 15 -0.59 0.12 -2.66
C CYS A 15 -1.10 -1.20 -3.21
N SER A 16 -0.28 -1.88 -4.01
CA SER A 16 -0.66 -3.15 -4.59
C SER A 16 -0.02 -4.32 -3.83
N VAL A 17 1.29 -4.24 -3.62
CA VAL A 17 2.02 -5.27 -2.91
C VAL A 17 1.19 -5.82 -1.74
N CYS A 18 0.67 -4.92 -0.92
CA CYS A 18 -0.14 -5.30 0.23
C CYS A 18 -1.62 -5.08 -0.05
N GLY A 19 -1.94 -3.93 -0.62
CA GLY A 19 -3.32 -3.61 -0.93
C GLY A 19 -3.89 -2.57 0.01
N LYS A 20 -3.17 -1.46 0.18
CA LYS A 20 -3.62 -0.38 1.05
C LYS A 20 -3.90 0.89 0.27
N ALA A 21 -4.32 1.94 0.97
CA ALA A 21 -4.61 3.21 0.33
C ALA A 21 -4.12 4.38 1.18
N PHE A 22 -3.63 5.42 0.51
CA PHE A 22 -3.12 6.60 1.20
C PHE A 22 -3.45 7.87 0.41
N SER A 23 -4.22 8.76 1.04
CA SER A 23 -4.60 10.02 0.39
C SER A 23 -3.37 10.77 -0.10
N HIS A 24 -2.27 10.66 0.64
CA HIS A 24 -1.02 11.32 0.29
C HIS A 24 0.01 10.32 -0.22
N ARG A 25 0.63 10.64 -1.35
CA ARG A 25 1.64 9.77 -1.92
C ARG A 25 2.82 9.57 -0.97
N GLN A 26 3.13 10.61 -0.20
CA GLN A 26 4.22 10.56 0.75
C GLN A 26 4.08 9.36 1.69
N SER A 27 2.86 9.19 2.22
CA SER A 27 2.59 8.09 3.14
C SER A 27 2.81 6.74 2.45
N LEU A 28 2.33 6.63 1.22
CA LEU A 28 2.47 5.40 0.46
C LEU A 28 3.94 5.04 0.25
N SER A 29 4.72 6.03 -0.17
CA SER A 29 6.15 5.83 -0.40
C SER A 29 6.84 5.31 0.86
N VAL A 30 6.68 6.04 1.96
CA VAL A 30 7.28 5.66 3.22
C VAL A 30 6.67 4.37 3.76
N HIS A 31 5.43 4.11 3.37
CA HIS A 31 4.72 2.91 3.81
C HIS A 31 5.29 1.67 3.13
N GLN A 32 5.45 1.76 1.81
CA GLN A 32 5.99 0.65 1.03
C GLN A 32 7.27 0.11 1.64
N ARG A 33 7.92 0.94 2.47
CA ARG A 33 9.16 0.54 3.12
C ARG A 33 8.95 -0.69 3.97
N ILE A 34 7.84 -0.74 4.69
CA ILE A 34 7.52 -1.87 5.55
C ILE A 34 7.67 -3.19 4.79
N HIS A 35 7.42 -3.15 3.49
CA HIS A 35 7.53 -4.34 2.66
C HIS A 35 8.99 -4.66 2.36
N SER A 36 9.82 -3.63 2.30
CA SER A 36 11.24 -3.80 2.03
C SER A 36 11.81 -4.99 2.79
N GLY A 37 12.62 -5.79 2.11
CA GLY A 37 13.22 -6.96 2.74
C GLY A 37 13.44 -8.09 1.76
N LYS A 38 14.14 -9.13 2.22
CA LYS A 38 14.42 -10.29 1.37
C LYS A 38 13.88 -11.56 2.02
N LYS A 39 12.88 -12.16 1.39
CA LYS A 39 12.26 -13.38 1.88
C LYS A 39 12.63 -14.57 1.01
N PRO A 40 12.70 -15.77 1.61
CA PRO A 40 13.04 -17.00 0.90
C PRO A 40 11.93 -17.44 -0.05
N SER A 41 10.77 -16.79 0.07
CA SER A 41 9.62 -17.13 -0.77
C SER A 41 10.07 -17.43 -2.20
N GLY A 42 10.17 -18.72 -2.52
CA GLY A 42 10.59 -19.11 -3.85
C GLY A 42 12.09 -19.08 -4.03
N PRO A 43 12.55 -18.76 -5.25
CA PRO A 43 13.98 -18.68 -5.56
C PRO A 43 14.67 -17.51 -4.88
N SER A 44 15.85 -17.77 -4.32
CA SER A 44 16.61 -16.73 -3.63
C SER A 44 17.94 -16.49 -4.33
N SER A 45 18.62 -15.41 -3.95
CA SER A 45 19.91 -15.06 -4.54
C SER A 45 20.96 -16.10 -4.19
N GLY A 46 22.03 -16.14 -4.98
CA GLY A 46 23.10 -17.09 -4.74
C GLY A 46 22.63 -18.53 -4.92
N GLY A 1 -14.30 -3.97 -3.49
CA GLY A 1 -15.31 -3.27 -2.70
C GLY A 1 -16.33 -2.57 -3.58
N SER A 2 -17.50 -3.18 -3.72
CA SER A 2 -18.57 -2.62 -4.53
C SER A 2 -18.66 -1.10 -4.33
N SER A 3 -18.97 -0.39 -5.41
CA SER A 3 -19.09 1.07 -5.36
C SER A 3 -20.55 1.49 -5.23
N GLY A 4 -20.91 1.98 -4.05
CA GLY A 4 -22.28 2.41 -3.82
C GLY A 4 -22.46 3.07 -2.48
N SER A 5 -21.57 4.01 -2.16
CA SER A 5 -21.63 4.73 -0.88
C SER A 5 -21.43 6.22 -1.08
N SER A 6 -22.48 6.99 -0.88
CA SER A 6 -22.43 8.44 -1.03
C SER A 6 -21.42 9.05 -0.07
N GLY A 7 -20.51 9.86 -0.60
CA GLY A 7 -19.51 10.49 0.24
C GLY A 7 -18.42 11.17 -0.58
N THR A 8 -17.41 11.69 0.11
CA THR A 8 -16.30 12.37 -0.57
C THR A 8 -14.98 12.08 0.14
N GLY A 9 -13.92 11.90 -0.64
CA GLY A 9 -12.61 11.62 -0.08
C GLY A 9 -12.03 10.32 -0.59
N GLU A 10 -11.97 10.18 -1.90
CA GLU A 10 -11.43 8.97 -2.52
C GLU A 10 -9.92 9.06 -2.65
N LYS A 11 -9.23 8.04 -2.14
CA LYS A 11 -7.77 8.01 -2.20
C LYS A 11 -7.29 7.73 -3.62
N PRO A 12 -6.65 8.73 -4.23
CA PRO A 12 -6.13 8.63 -5.60
C PRO A 12 -4.93 7.69 -5.69
N TYR A 13 -4.37 7.34 -4.53
CA TYR A 13 -3.22 6.45 -4.48
C TYR A 13 -3.54 5.18 -3.69
N GLU A 14 -2.74 4.14 -3.90
CA GLU A 14 -2.94 2.88 -3.21
C GLU A 14 -1.80 1.91 -3.51
N CYS A 15 -1.41 1.14 -2.49
CA CYS A 15 -0.33 0.16 -2.65
C CYS A 15 -0.82 -1.08 -3.40
N SER A 16 0.10 -1.73 -4.11
CA SER A 16 -0.23 -2.93 -4.87
C SER A 16 0.26 -4.18 -4.15
N VAL A 17 1.56 -4.20 -3.84
CA VAL A 17 2.15 -5.34 -3.15
C VAL A 17 1.21 -5.90 -2.10
N CYS A 18 0.73 -5.03 -1.22
CA CYS A 18 -0.19 -5.43 -0.16
C CYS A 18 -1.63 -5.11 -0.53
N GLY A 19 -1.85 -3.92 -1.08
CA GLY A 19 -3.17 -3.51 -1.47
C GLY A 19 -3.76 -2.46 -0.53
N LYS A 20 -2.90 -1.65 0.04
CA LYS A 20 -3.33 -0.60 0.97
C LYS A 20 -3.79 0.64 0.21
N ALA A 21 -4.22 1.66 0.94
CA ALA A 21 -4.69 2.90 0.34
C ALA A 21 -4.21 4.11 1.13
N PHE A 22 -3.87 5.19 0.43
CA PHE A 22 -3.40 6.40 1.06
C PHE A 22 -3.90 7.64 0.33
N SER A 23 -3.99 8.76 1.04
CA SER A 23 -4.47 10.00 0.45
C SER A 23 -3.36 10.69 -0.34
N HIS A 24 -2.17 10.75 0.27
CA HIS A 24 -1.02 11.39 -0.37
C HIS A 24 0.02 10.35 -0.75
N ARG A 25 0.98 10.75 -1.58
CA ARG A 25 2.05 9.85 -2.03
C ARG A 25 3.02 9.57 -0.88
N GLN A 26 3.61 10.62 -0.35
CA GLN A 26 4.57 10.48 0.75
C GLN A 26 4.17 9.33 1.67
N SER A 27 2.87 9.20 1.91
CA SER A 27 2.35 8.14 2.78
C SER A 27 2.61 6.76 2.17
N LEU A 28 2.10 6.55 0.96
CA LEU A 28 2.26 5.28 0.26
C LEU A 28 3.73 4.91 0.15
N SER A 29 4.57 5.92 -0.08
CA SER A 29 6.01 5.70 -0.22
C SER A 29 6.61 5.22 1.10
N VAL A 30 6.52 6.06 2.13
CA VAL A 30 7.06 5.72 3.44
C VAL A 30 6.49 4.40 3.94
N HIS A 31 5.33 4.01 3.41
CA HIS A 31 4.68 2.77 3.80
C HIS A 31 5.34 1.57 3.12
N GLN A 32 5.56 1.69 1.81
CA GLN A 32 6.19 0.62 1.05
C GLN A 32 7.43 0.08 1.78
N ARG A 33 8.07 0.94 2.55
CA ARG A 33 9.26 0.55 3.30
C ARG A 33 9.01 -0.73 4.10
N ILE A 34 7.82 -0.82 4.70
CA ILE A 34 7.45 -1.99 5.49
C ILE A 34 7.74 -3.28 4.73
N HIS A 35 7.59 -3.23 3.40
CA HIS A 35 7.83 -4.39 2.56
C HIS A 35 9.33 -4.59 2.31
N SER A 36 10.07 -3.48 2.34
CA SER A 36 11.52 -3.54 2.13
C SER A 36 12.27 -3.11 3.37
N GLY A 37 12.41 -4.04 4.32
CA GLY A 37 13.10 -3.74 5.56
C GLY A 37 13.38 -4.99 6.39
N LYS A 38 14.45 -5.69 6.05
CA LYS A 38 14.81 -6.91 6.77
C LYS A 38 16.28 -6.86 7.20
N LYS A 39 17.15 -6.45 6.29
CA LYS A 39 18.57 -6.35 6.57
C LYS A 39 18.91 -5.04 7.26
N PRO A 40 19.92 -5.07 8.15
CA PRO A 40 20.36 -3.88 8.89
C PRO A 40 21.05 -2.86 7.99
N SER A 41 21.22 -3.21 6.73
CA SER A 41 21.87 -2.33 5.76
C SER A 41 20.88 -1.84 4.71
N GLY A 42 20.17 -2.79 4.10
CA GLY A 42 19.19 -2.43 3.08
C GLY A 42 19.24 -3.37 1.88
N PRO A 43 18.72 -2.90 0.74
CA PRO A 43 18.69 -3.68 -0.50
C PRO A 43 20.08 -3.89 -1.09
N SER A 44 20.14 -4.55 -2.24
CA SER A 44 21.41 -4.81 -2.91
C SER A 44 21.95 -3.55 -3.57
N SER A 45 22.61 -2.72 -2.77
CA SER A 45 23.18 -1.46 -3.27
C SER A 45 24.59 -1.69 -3.81
N GLY A 46 24.77 -1.45 -5.11
CA GLY A 46 26.08 -1.63 -5.72
C GLY A 46 27.15 -0.82 -5.03
N GLY A 1 -14.00 -18.21 -1.51
CA GLY A 1 -15.04 -17.52 -2.25
C GLY A 1 -16.07 -16.88 -1.35
N SER A 2 -16.00 -15.56 -1.23
CA SER A 2 -16.92 -14.82 -0.37
C SER A 2 -17.67 -13.76 -1.19
N SER A 3 -18.83 -13.35 -0.69
CA SER A 3 -19.65 -12.35 -1.35
C SER A 3 -19.75 -11.08 -0.52
N GLY A 4 -19.98 -9.95 -1.19
CA GLY A 4 -20.09 -8.68 -0.49
C GLY A 4 -19.90 -7.50 -1.42
N SER A 5 -20.90 -6.62 -1.46
CA SER A 5 -20.85 -5.44 -2.31
C SER A 5 -19.73 -4.50 -1.88
N SER A 6 -19.48 -3.46 -2.66
CA SER A 6 -18.43 -2.50 -2.36
C SER A 6 -18.78 -1.12 -2.91
N GLY A 7 -18.91 -0.15 -2.01
CA GLY A 7 -19.25 1.20 -2.43
C GLY A 7 -18.20 1.79 -3.36
N THR A 8 -18.64 2.26 -4.53
CA THR A 8 -17.73 2.84 -5.50
C THR A 8 -16.96 4.01 -4.89
N GLY A 9 -15.74 4.23 -5.39
CA GLY A 9 -14.91 5.30 -4.89
C GLY A 9 -13.70 4.79 -4.13
N GLU A 10 -12.55 5.43 -4.37
CA GLU A 10 -11.32 5.03 -3.71
C GLU A 10 -10.30 6.17 -3.73
N LYS A 11 -9.24 6.03 -2.94
CA LYS A 11 -8.20 7.04 -2.86
C LYS A 11 -7.37 7.04 -4.14
N PRO A 12 -6.72 8.19 -4.43
CA PRO A 12 -5.88 8.36 -5.62
C PRO A 12 -4.59 7.55 -5.53
N TYR A 13 -4.34 6.96 -4.36
CA TYR A 13 -3.14 6.16 -4.15
C TYR A 13 -3.51 4.75 -3.68
N GLU A 14 -2.75 3.76 -4.13
CA GLU A 14 -2.98 2.37 -3.76
C GLU A 14 -1.69 1.57 -3.82
N CYS A 15 -1.29 1.01 -2.68
CA CYS A 15 -0.07 0.21 -2.60
C CYS A 15 -0.14 -0.98 -3.55
N SER A 16 0.84 -1.07 -4.44
CA SER A 16 0.89 -2.15 -5.41
C SER A 16 1.54 -3.40 -4.81
N VAL A 17 1.46 -3.51 -3.48
CA VAL A 17 2.03 -4.65 -2.78
C VAL A 17 0.98 -5.36 -1.93
N CYS A 18 0.59 -4.72 -0.82
CA CYS A 18 -0.40 -5.29 0.08
C CYS A 18 -1.80 -4.94 -0.38
N GLY A 19 -1.95 -3.75 -0.95
CA GLY A 19 -3.26 -3.31 -1.42
C GLY A 19 -3.88 -2.27 -0.51
N LYS A 20 -3.05 -1.40 0.06
CA LYS A 20 -3.52 -0.35 0.95
C LYS A 20 -3.88 0.90 0.17
N ALA A 21 -4.56 1.84 0.85
CA ALA A 21 -4.96 3.09 0.22
C ALA A 21 -4.61 4.29 1.10
N PHE A 22 -3.97 5.28 0.50
CA PHE A 22 -3.57 6.48 1.24
C PHE A 22 -4.05 7.73 0.52
N SER A 23 -3.97 8.87 1.21
CA SER A 23 -4.40 10.14 0.65
C SER A 23 -3.29 10.78 -0.17
N HIS A 24 -2.11 10.88 0.42
CA HIS A 24 -0.96 11.48 -0.26
C HIS A 24 0.04 10.41 -0.67
N ARG A 25 0.94 10.76 -1.58
CA ARG A 25 1.95 9.82 -2.06
C ARG A 25 3.04 9.61 -1.00
N GLN A 26 3.56 10.71 -0.47
CA GLN A 26 4.60 10.64 0.54
C GLN A 26 4.31 9.54 1.56
N SER A 27 3.08 9.54 2.07
CA SER A 27 2.67 8.55 3.07
C SER A 27 2.81 7.14 2.50
N LEU A 28 2.30 6.93 1.30
CA LEU A 28 2.36 5.63 0.65
C LEU A 28 3.81 5.17 0.47
N SER A 29 4.62 6.02 -0.15
CA SER A 29 6.02 5.72 -0.38
C SER A 29 6.68 5.21 0.90
N VAL A 30 6.54 5.98 1.97
CA VAL A 30 7.12 5.61 3.26
C VAL A 30 6.53 4.30 3.78
N HIS A 31 5.26 4.07 3.46
CA HIS A 31 4.57 2.86 3.90
C HIS A 31 5.18 1.63 3.24
N GLN A 32 5.21 1.62 1.91
CA GLN A 32 5.77 0.51 1.16
C GLN A 32 7.07 0.02 1.79
N ARG A 33 7.75 0.91 2.51
CA ARG A 33 9.00 0.56 3.17
C ARG A 33 8.89 -0.78 3.87
N ILE A 34 7.80 -0.97 4.61
CA ILE A 34 7.58 -2.21 5.34
C ILE A 34 7.85 -3.42 4.45
N HIS A 35 7.54 -3.29 3.17
CA HIS A 35 7.76 -4.37 2.22
C HIS A 35 9.23 -4.48 1.84
N SER A 36 9.94 -3.36 1.88
CA SER A 36 11.35 -3.33 1.54
C SER A 36 12.06 -4.58 2.06
N GLY A 37 12.89 -5.17 1.21
CA GLY A 37 13.62 -6.37 1.59
C GLY A 37 12.72 -7.59 1.67
N LYS A 38 13.17 -8.62 2.38
CA LYS A 38 12.40 -9.85 2.53
C LYS A 38 11.67 -10.19 1.24
N LYS A 39 12.38 -10.08 0.12
CA LYS A 39 11.80 -10.38 -1.18
C LYS A 39 11.19 -11.78 -1.19
N PRO A 40 9.86 -11.86 -1.34
CA PRO A 40 9.14 -13.13 -1.37
C PRO A 40 9.41 -13.92 -2.64
N SER A 41 9.14 -15.22 -2.59
CA SER A 41 9.35 -16.10 -3.75
C SER A 41 8.72 -15.51 -5.01
N GLY A 42 9.56 -15.00 -5.90
CA GLY A 42 9.06 -14.42 -7.14
C GLY A 42 9.10 -12.90 -7.11
N PRO A 43 10.29 -12.33 -7.36
CA PRO A 43 10.48 -10.88 -7.38
C PRO A 43 9.79 -10.21 -8.57
N SER A 44 9.10 -11.01 -9.37
CA SER A 44 8.41 -10.50 -10.55
C SER A 44 7.34 -9.50 -10.15
N SER A 45 7.61 -8.22 -10.39
CA SER A 45 6.68 -7.15 -10.05
C SER A 45 7.15 -5.81 -10.62
N GLY A 46 6.19 -4.99 -11.03
CA GLY A 46 6.52 -3.69 -11.59
C GLY A 46 6.51 -2.59 -10.55
N GLY A 1 -14.50 -2.71 13.56
CA GLY A 1 -13.56 -2.54 14.65
C GLY A 1 -12.54 -1.47 14.37
N SER A 2 -11.98 -1.49 13.16
CA SER A 2 -10.97 -0.52 12.76
C SER A 2 -11.54 0.46 11.73
N SER A 3 -12.25 -0.07 10.75
CA SER A 3 -12.84 0.74 9.70
C SER A 3 -14.11 1.43 10.20
N GLY A 4 -14.29 2.69 9.80
CA GLY A 4 -15.47 3.44 10.21
C GLY A 4 -16.47 3.61 9.09
N SER A 5 -17.73 3.32 9.38
CA SER A 5 -18.79 3.44 8.38
C SER A 5 -19.23 4.90 8.22
N SER A 6 -18.25 5.79 8.13
CA SER A 6 -18.53 7.21 7.98
C SER A 6 -17.81 7.78 6.76
N GLY A 7 -18.09 7.21 5.59
CA GLY A 7 -17.46 7.66 4.36
C GLY A 7 -16.33 6.77 3.92
N THR A 8 -16.26 6.49 2.62
CA THR A 8 -15.23 5.63 2.07
C THR A 8 -13.92 6.39 1.89
N GLY A 9 -14.00 7.55 1.24
CA GLY A 9 -12.82 8.36 1.01
C GLY A 9 -11.90 7.77 -0.03
N GLU A 10 -12.31 7.82 -1.30
CA GLU A 10 -11.51 7.28 -2.38
C GLU A 10 -10.13 7.94 -2.43
N LYS A 11 -9.09 7.12 -2.36
CA LYS A 11 -7.72 7.61 -2.39
C LYS A 11 -7.09 7.37 -3.75
N PRO A 12 -6.50 8.43 -4.33
CA PRO A 12 -5.84 8.34 -5.64
C PRO A 12 -4.55 7.53 -5.60
N TYR A 13 -4.21 7.04 -4.41
CA TYR A 13 -3.00 6.24 -4.23
C TYR A 13 -3.33 4.89 -3.62
N GLU A 14 -2.61 3.85 -4.07
CA GLU A 14 -2.82 2.50 -3.56
C GLU A 14 -1.55 1.68 -3.67
N CYS A 15 -1.19 1.01 -2.57
CA CYS A 15 0.02 0.19 -2.54
C CYS A 15 -0.10 -0.97 -3.53
N SER A 16 0.87 -1.04 -4.45
CA SER A 16 0.89 -2.10 -5.45
C SER A 16 1.51 -3.37 -4.90
N VAL A 17 1.40 -3.57 -3.60
CA VAL A 17 1.96 -4.74 -2.94
C VAL A 17 0.91 -5.44 -2.08
N CYS A 18 0.56 -4.83 -0.96
CA CYS A 18 -0.43 -5.40 -0.04
C CYS A 18 -1.84 -5.00 -0.46
N GLY A 19 -1.96 -3.81 -1.05
CA GLY A 19 -3.26 -3.33 -1.48
C GLY A 19 -3.83 -2.28 -0.56
N LYS A 20 -2.95 -1.46 0.03
CA LYS A 20 -3.37 -0.40 0.93
C LYS A 20 -3.66 0.89 0.17
N ALA A 21 -4.23 1.86 0.87
CA ALA A 21 -4.56 3.14 0.27
C ALA A 21 -4.04 4.31 1.12
N PHE A 22 -3.78 5.44 0.48
CA PHE A 22 -3.29 6.62 1.18
C PHE A 22 -3.77 7.90 0.50
N SER A 23 -3.90 8.97 1.28
CA SER A 23 -4.35 10.25 0.75
C SER A 23 -3.25 10.92 -0.06
N HIS A 24 -2.04 10.98 0.50
CA HIS A 24 -0.91 11.59 -0.17
C HIS A 24 0.14 10.54 -0.53
N ARG A 25 0.57 10.56 -1.80
CA ARG A 25 1.57 9.61 -2.28
C ARG A 25 2.68 9.42 -1.25
N GLN A 26 3.19 10.54 -0.74
CA GLN A 26 4.26 10.51 0.25
C GLN A 26 3.97 9.49 1.34
N SER A 27 2.74 9.51 1.84
CA SER A 27 2.33 8.59 2.90
C SER A 27 2.55 7.14 2.48
N LEU A 28 2.14 6.82 1.24
CA LEU A 28 2.29 5.48 0.71
C LEU A 28 3.77 5.08 0.65
N SER A 29 4.56 5.89 -0.03
CA SER A 29 5.99 5.62 -0.18
C SER A 29 6.58 5.14 1.14
N VAL A 30 6.43 5.95 2.18
CA VAL A 30 6.95 5.60 3.50
C VAL A 30 6.45 4.23 3.94
N HIS A 31 5.19 3.95 3.67
CA HIS A 31 4.59 2.66 4.04
C HIS A 31 5.24 1.52 3.26
N GLN A 32 5.17 1.61 1.93
CA GLN A 32 5.74 0.59 1.07
C GLN A 32 7.04 0.04 1.66
N ARG A 33 7.77 0.91 2.37
CA ARG A 33 9.03 0.51 2.97
C ARG A 33 8.89 -0.82 3.71
N ILE A 34 7.84 -0.95 4.50
CA ILE A 34 7.59 -2.17 5.25
C ILE A 34 7.84 -3.40 4.39
N HIS A 35 7.63 -3.26 3.09
CA HIS A 35 7.83 -4.36 2.16
C HIS A 35 9.30 -4.47 1.74
N SER A 36 10.19 -4.06 2.64
CA SER A 36 11.63 -4.10 2.38
C SER A 36 12.29 -5.22 3.16
N GLY A 37 12.06 -5.25 4.46
CA GLY A 37 12.64 -6.28 5.30
C GLY A 37 11.74 -6.69 6.45
N LYS A 38 11.08 -7.84 6.30
CA LYS A 38 10.17 -8.33 7.33
C LYS A 38 10.88 -9.33 8.24
N LYS A 39 11.60 -10.27 7.64
CA LYS A 39 12.32 -11.29 8.39
C LYS A 39 11.36 -12.21 9.14
N PRO A 40 10.40 -12.80 8.41
CA PRO A 40 9.41 -13.70 8.98
C PRO A 40 10.01 -15.02 9.43
N SER A 41 9.45 -15.59 10.50
CA SER A 41 9.95 -16.86 11.03
C SER A 41 8.90 -17.96 10.88
N GLY A 42 9.34 -19.21 11.00
CA GLY A 42 8.42 -20.33 10.87
C GLY A 42 9.14 -21.62 10.54
N PRO A 43 8.45 -22.75 10.72
CA PRO A 43 8.99 -24.07 10.44
C PRO A 43 9.19 -24.32 8.95
N SER A 44 9.89 -25.40 8.60
CA SER A 44 10.14 -25.74 7.21
C SER A 44 9.03 -26.62 6.66
N SER A 45 9.03 -26.80 5.34
CA SER A 45 8.01 -27.61 4.68
C SER A 45 8.31 -29.10 4.85
N GLY A 46 7.69 -29.72 5.85
CA GLY A 46 7.90 -31.13 6.10
C GLY A 46 7.49 -31.53 7.49
N GLY A 1 -18.45 -12.52 11.59
CA GLY A 1 -19.20 -11.76 10.61
C GLY A 1 -18.33 -10.90 9.73
N SER A 2 -18.95 -10.20 8.79
CA SER A 2 -18.21 -9.34 7.87
C SER A 2 -18.54 -7.87 8.13
N SER A 3 -17.82 -7.26 9.07
CA SER A 3 -18.03 -5.86 9.42
C SER A 3 -17.06 -4.96 8.67
N GLY A 4 -17.59 -3.90 8.07
CA GLY A 4 -16.75 -2.97 7.33
C GLY A 4 -16.89 -1.55 7.82
N SER A 5 -15.94 -0.69 7.42
CA SER A 5 -15.95 0.71 7.83
C SER A 5 -16.88 1.53 6.93
N SER A 6 -17.42 2.61 7.48
CA SER A 6 -18.31 3.49 6.73
C SER A 6 -17.53 4.60 6.04
N GLY A 7 -17.59 4.62 4.71
CA GLY A 7 -16.89 5.63 3.95
C GLY A 7 -16.95 5.39 2.46
N THR A 8 -17.95 5.99 1.81
CA THR A 8 -18.13 5.83 0.37
C THR A 8 -17.09 6.63 -0.40
N GLY A 9 -16.24 5.93 -1.15
CA GLY A 9 -15.20 6.59 -1.92
C GLY A 9 -13.87 5.89 -1.82
N GLU A 10 -12.87 6.41 -2.55
CA GLU A 10 -11.54 5.81 -2.54
C GLU A 10 -10.49 6.85 -2.96
N LYS A 11 -9.24 6.59 -2.61
CA LYS A 11 -8.15 7.49 -2.95
C LYS A 11 -7.35 6.95 -4.14
N PRO A 12 -6.72 7.88 -4.88
CA PRO A 12 -5.91 7.52 -6.06
C PRO A 12 -4.63 6.78 -5.69
N TYR A 13 -4.16 7.01 -4.47
CA TYR A 13 -2.94 6.37 -3.99
C TYR A 13 -3.25 5.02 -3.35
N GLU A 14 -3.00 3.95 -4.09
CA GLU A 14 -3.25 2.60 -3.59
C GLU A 14 -2.05 1.69 -3.85
N CYS A 15 -1.52 1.12 -2.77
CA CYS A 15 -0.36 0.23 -2.87
C CYS A 15 -0.70 -1.01 -3.69
N SER A 16 0.33 -1.73 -4.12
CA SER A 16 0.14 -2.94 -4.91
C SER A 16 0.76 -4.15 -4.21
N VAL A 17 2.03 -4.03 -3.85
CA VAL A 17 2.74 -5.10 -3.19
C VAL A 17 1.87 -5.77 -2.13
N CYS A 18 1.31 -4.95 -1.24
CA CYS A 18 0.44 -5.47 -0.17
C CYS A 18 -1.02 -5.16 -0.48
N GLY A 19 -1.30 -3.93 -0.88
CA GLY A 19 -2.65 -3.54 -1.20
C GLY A 19 -3.26 -2.64 -0.14
N LYS A 20 -2.89 -1.37 -0.17
CA LYS A 20 -3.40 -0.39 0.80
C LYS A 20 -3.82 0.89 0.11
N ALA A 21 -4.41 1.81 0.88
CA ALA A 21 -4.85 3.09 0.33
C ALA A 21 -4.28 4.25 1.14
N PHE A 22 -4.08 5.38 0.47
CA PHE A 22 -3.55 6.57 1.12
C PHE A 22 -4.10 7.84 0.49
N SER A 23 -3.97 8.96 1.20
CA SER A 23 -4.47 10.24 0.72
C SER A 23 -3.35 11.05 0.08
N HIS A 24 -2.11 10.70 0.42
CA HIS A 24 -0.95 11.40 -0.11
C HIS A 24 0.13 10.40 -0.55
N ARG A 25 1.09 10.89 -1.34
CA ARG A 25 2.17 10.04 -1.83
C ARG A 25 3.17 9.73 -0.71
N GLN A 26 3.69 10.79 -0.10
CA GLN A 26 4.66 10.63 0.99
C GLN A 26 4.30 9.44 1.87
N SER A 27 3.01 9.29 2.15
CA SER A 27 2.53 8.20 3.00
C SER A 27 2.74 6.85 2.32
N LEU A 28 2.14 6.70 1.15
CA LEU A 28 2.26 5.45 0.38
C LEU A 28 3.73 5.06 0.22
N SER A 29 4.54 6.01 -0.24
CA SER A 29 5.97 5.75 -0.45
C SER A 29 6.60 5.21 0.82
N VAL A 30 6.67 6.05 1.86
CA VAL A 30 7.25 5.66 3.13
C VAL A 30 6.69 4.32 3.61
N HIS A 31 5.40 4.12 3.40
CA HIS A 31 4.73 2.88 3.81
C HIS A 31 5.35 1.68 3.09
N GLN A 32 5.43 1.77 1.77
CA GLN A 32 5.99 0.68 0.98
C GLN A 32 7.24 0.11 1.64
N ARG A 33 7.89 0.92 2.48
CA ARG A 33 9.10 0.49 3.17
C ARG A 33 8.83 -0.77 4.00
N ILE A 34 7.72 -0.78 4.71
CA ILE A 34 7.35 -1.92 5.53
C ILE A 34 7.53 -3.23 4.78
N HIS A 35 7.54 -3.14 3.45
CA HIS A 35 7.71 -4.32 2.61
C HIS A 35 9.18 -4.62 2.39
N SER A 36 10.02 -4.19 3.33
CA SER A 36 11.45 -4.40 3.23
C SER A 36 11.92 -5.43 4.27
N GLY A 37 12.78 -6.35 3.84
CA GLY A 37 13.29 -7.36 4.74
C GLY A 37 14.34 -8.23 4.09
N LYS A 38 14.07 -8.70 2.87
CA LYS A 38 15.00 -9.54 2.15
C LYS A 38 15.90 -8.70 1.24
N LYS A 39 17.04 -9.28 0.84
CA LYS A 39 17.98 -8.59 -0.03
C LYS A 39 17.74 -8.94 -1.49
N PRO A 40 17.31 -7.95 -2.27
CA PRO A 40 17.03 -8.14 -3.71
C PRO A 40 18.30 -8.36 -4.52
N SER A 41 19.29 -7.50 -4.31
CA SER A 41 20.56 -7.60 -5.01
C SER A 41 21.62 -6.70 -4.38
N GLY A 42 22.85 -6.82 -4.86
CA GLY A 42 23.93 -6.02 -4.33
C GLY A 42 25.30 -6.59 -4.67
N PRO A 43 26.36 -5.84 -4.31
CA PRO A 43 27.74 -6.25 -4.57
C PRO A 43 28.16 -7.43 -3.69
N SER A 44 27.22 -7.94 -2.90
CA SER A 44 27.50 -9.06 -2.01
C SER A 44 28.51 -10.01 -2.63
N SER A 45 29.37 -10.59 -1.80
CA SER A 45 30.39 -11.51 -2.27
C SER A 45 29.75 -12.75 -2.89
N GLY A 46 30.04 -12.97 -4.17
CA GLY A 46 29.48 -14.12 -4.87
C GLY A 46 28.01 -14.30 -4.60
N GLY A 1 -11.51 -13.36 9.35
CA GLY A 1 -11.81 -12.04 9.88
C GLY A 1 -11.79 -10.96 8.82
N SER A 2 -12.57 -9.91 9.04
CA SER A 2 -12.64 -8.80 8.08
C SER A 2 -13.12 -7.53 8.77
N SER A 3 -12.83 -6.39 8.15
CA SER A 3 -13.22 -5.09 8.70
C SER A 3 -13.55 -4.11 7.58
N GLY A 4 -14.31 -3.07 7.92
CA GLY A 4 -14.69 -2.07 6.94
C GLY A 4 -14.16 -0.69 7.29
N SER A 5 -14.27 0.24 6.35
CA SER A 5 -13.79 1.60 6.57
C SER A 5 -14.46 2.57 5.60
N SER A 6 -14.19 3.86 5.78
CA SER A 6 -14.78 4.88 4.92
C SER A 6 -14.03 6.21 5.07
N GLY A 7 -13.70 6.82 3.95
CA GLY A 7 -12.99 8.10 3.97
C GLY A 7 -13.56 9.11 3.01
N THR A 8 -13.93 10.27 3.51
CA THR A 8 -14.50 11.33 2.69
C THR A 8 -13.46 11.87 1.71
N GLY A 9 -13.71 11.65 0.42
CA GLY A 9 -12.79 12.12 -0.60
C GLY A 9 -12.42 11.04 -1.59
N GLU A 10 -11.28 11.21 -2.26
CA GLU A 10 -10.80 10.24 -3.24
C GLU A 10 -9.35 9.89 -3.01
N LYS A 11 -9.03 8.61 -3.11
CA LYS A 11 -7.67 8.14 -2.90
C LYS A 11 -7.09 7.56 -4.20
N PRO A 12 -6.43 8.43 -4.98
CA PRO A 12 -5.82 8.03 -6.25
C PRO A 12 -4.60 7.14 -6.06
N TYR A 13 -4.22 6.94 -4.80
CA TYR A 13 -3.07 6.10 -4.48
C TYR A 13 -3.49 4.87 -3.69
N GLU A 14 -2.99 3.71 -4.10
CA GLU A 14 -3.32 2.46 -3.43
C GLU A 14 -2.23 1.40 -3.66
N CYS A 15 -1.57 0.99 -2.61
CA CYS A 15 -0.50 0.00 -2.69
C CYS A 15 -1.04 -1.30 -3.30
N SER A 16 -0.16 -2.02 -4.00
CA SER A 16 -0.55 -3.29 -4.62
C SER A 16 0.15 -4.46 -3.95
N VAL A 17 1.45 -4.31 -3.71
CA VAL A 17 2.24 -5.36 -3.07
C VAL A 17 1.50 -5.95 -1.88
N CYS A 18 0.80 -5.10 -1.14
CA CYS A 18 0.04 -5.55 0.02
C CYS A 18 -1.45 -5.21 -0.12
N GLY A 19 -1.72 -4.06 -0.72
CA GLY A 19 -3.10 -3.64 -0.93
C GLY A 19 -3.56 -2.64 0.12
N LYS A 20 -3.00 -1.44 0.07
CA LYS A 20 -3.35 -0.39 1.02
C LYS A 20 -3.76 0.89 0.29
N ALA A 21 -4.34 1.82 1.03
CA ALA A 21 -4.77 3.10 0.46
C ALA A 21 -4.23 4.27 1.26
N PHE A 22 -3.96 5.38 0.58
CA PHE A 22 -3.44 6.57 1.23
C PHE A 22 -3.97 7.84 0.55
N SER A 23 -3.87 8.96 1.24
CA SER A 23 -4.33 10.23 0.71
C SER A 23 -3.23 10.91 -0.10
N HIS A 24 -2.03 10.94 0.45
CA HIS A 24 -0.89 11.56 -0.22
C HIS A 24 0.16 10.51 -0.57
N ARG A 25 1.09 10.87 -1.45
CA ARG A 25 2.15 9.97 -1.87
C ARG A 25 3.10 9.67 -0.71
N GLN A 26 3.62 10.72 -0.09
CA GLN A 26 4.54 10.57 1.02
C GLN A 26 4.16 9.37 1.89
N SER A 27 2.87 9.25 2.19
CA SER A 27 2.39 8.14 3.02
C SER A 27 2.67 6.80 2.34
N LEU A 28 2.13 6.63 1.14
CA LEU A 28 2.32 5.39 0.38
C LEU A 28 3.81 5.06 0.27
N SER A 29 4.62 6.07 -0.05
CA SER A 29 6.06 5.87 -0.19
C SER A 29 6.67 5.38 1.12
N VAL A 30 6.51 6.16 2.18
CA VAL A 30 7.06 5.81 3.48
C VAL A 30 6.46 4.50 3.97
N HIS A 31 5.34 4.09 3.38
CA HIS A 31 4.68 2.85 3.76
C HIS A 31 5.32 1.65 3.07
N GLN A 32 5.36 1.69 1.74
CA GLN A 32 5.94 0.61 0.97
C GLN A 32 7.24 0.11 1.60
N ARG A 33 7.89 0.98 2.37
CA ARG A 33 9.13 0.64 3.04
C ARG A 33 9.00 -0.67 3.80
N ILE A 34 7.86 -0.83 4.48
CA ILE A 34 7.61 -2.05 5.26
C ILE A 34 7.87 -3.30 4.42
N HIS A 35 7.84 -3.14 3.10
CA HIS A 35 8.08 -4.25 2.19
C HIS A 35 9.57 -4.40 1.87
N SER A 36 10.41 -3.98 2.82
CA SER A 36 11.85 -4.06 2.65
C SER A 36 12.41 -5.35 3.25
N GLY A 37 11.87 -5.73 4.40
CA GLY A 37 12.32 -6.95 5.07
C GLY A 37 11.51 -8.16 4.67
N LYS A 38 10.24 -8.16 5.04
CA LYS A 38 9.34 -9.27 4.73
C LYS A 38 8.84 -9.17 3.29
N LYS A 39 9.03 -10.23 2.52
CA LYS A 39 8.60 -10.26 1.13
C LYS A 39 7.51 -11.32 0.92
N PRO A 40 6.24 -10.88 1.03
CA PRO A 40 5.09 -11.77 0.86
C PRO A 40 4.92 -12.23 -0.59
N SER A 41 5.26 -11.35 -1.52
CA SER A 41 5.14 -11.66 -2.95
C SER A 41 6.42 -11.29 -3.69
N GLY A 42 6.77 -10.00 -3.66
CA GLY A 42 7.96 -9.55 -4.34
C GLY A 42 7.73 -8.26 -5.12
N PRO A 43 8.82 -7.67 -5.63
CA PRO A 43 8.76 -6.43 -6.41
C PRO A 43 8.11 -6.63 -7.78
N SER A 44 6.81 -6.37 -7.85
CA SER A 44 6.08 -6.53 -9.11
C SER A 44 5.24 -5.28 -9.40
N SER A 45 4.84 -5.14 -10.66
CA SER A 45 4.04 -3.99 -11.09
C SER A 45 4.56 -2.71 -10.44
N GLY A 46 5.88 -2.56 -10.40
CA GLY A 46 6.48 -1.38 -9.81
C GLY A 46 6.62 -0.24 -10.80
#